data_7RGF
#
_entry.id   7RGF
#
_cell.length_a   51.944
_cell.length_b   103.948
_cell.length_c   200.592
_cell.angle_alpha   90.000
_cell.angle_beta   90.000
_cell.angle_gamma   90.000
#
_symmetry.space_group_name_H-M   'P 21 21 21'
#
loop_
_entity.id
_entity.type
_entity.pdbx_description
1 polymer 'Protocadherin gamma C4'
2 branched beta-D-galactopyranose-(1-4)-2-acetamido-2-deoxy-beta-D-glucopyranose-(1-2)-alpha-D-mannopyranose-(1-3)-[alpha-D-mannopyranose-(1-6)]beta-D-mannopyranose-(1-4)-2-acetamido-2-deoxy-beta-D-glucopyranose-(1-4)-[alpha-L-fucopyranose-(1-6)]2-acetamido-2-deoxy-beta-D-glucopyranose
3 branched 2-acetamido-2-deoxy-beta-D-glucopyranose-(1-2)-alpha-D-mannopyranose-(1-3)-[alpha-D-mannopyranose-(1-6)]beta-D-mannopyranose-(1-4)-2-acetamido-2-deoxy-beta-D-glucopyranose-(1-4)-[alpha-L-fucopyranose-(1-6)]2-acetamido-2-deoxy-beta-D-glucopyranose
4 non-polymer alpha-D-mannopyranose
5 non-polymer 2-acetamido-2-deoxy-beta-D-glucopyranose
6 non-polymer GLYCEROL
7 non-polymer 'CALCIUM ION'
8 non-polymer 'CHLORIDE ION'
9 water water
#
_entity_poly.entity_id   1
_entity_poly.type   'polypeptide(L)'
_entity_poly.pdbx_seq_one_letter_code
;QIRYPVPEESQEGTFVGNVAQDFLLDTESLSARRLQVAGEVNQRHFRVDLDSGALLIKNPIDREALCGLSASCIVPLEFV
TEGPLEMYRAEVEIVDVNDHAPRFPRQQLDLEIGEAAPPGQRFPLEKAQDADVGSNSISSYRLSSNEHFALDVKKRSDGS
LVPELLLEKPLDREKQSDYRLVLTAVDGGNPPRSGTAELRVSVLDVNDNAPAFQQSSYRISVLESAPAGMVLIQLNASDP
DLGPSGNVTFSFSGHTPDRVRNLFSLHPTTGKLTLQGPLDFESENYYEFDVRARDGGSPAMEQHCSLRVDLLDVNDNAPH
ITVTSELGTLPESAEPGTVVALISVQDPDSGSNGDVSLRIPDHLPFALKSAFRNQFSLVTAGPLDREARSSYDIMVTASD
AGNPPLSTHRTIFLNISDVNDHHHHHHHH
;
_entity_poly.pdbx_strand_id   A,B
#
loop_
_chem_comp.id
_chem_comp.type
_chem_comp.name
_chem_comp.formula
BMA D-saccharide, beta linking beta-D-mannopyranose 'C6 H12 O6'
CA non-polymer 'CALCIUM ION' 'Ca 2'
CL non-polymer 'CHLORIDE ION' 'Cl -1'
FUC L-saccharide, alpha linking alpha-L-fucopyranose 'C6 H12 O5'
GAL D-saccharide, beta linking beta-D-galactopyranose 'C6 H12 O6'
GOL non-polymer GLYCEROL 'C3 H8 O3'
MAN D-saccharide, alpha linking alpha-D-mannopyranose 'C6 H12 O6'
NAG D-saccharide, beta linking 2-acetamido-2-deoxy-beta-D-glucopyranose 'C8 H15 N O6'
#
# COMPACT_ATOMS: atom_id res chain seq x y z
N GLN A 1 15.93 28.83 -58.83
CA GLN A 1 15.88 27.39 -58.59
C GLN A 1 14.58 26.81 -59.16
N ILE A 2 14.73 25.86 -60.07
CA ILE A 2 13.62 25.15 -60.67
C ILE A 2 13.30 23.92 -59.81
N ARG A 3 12.11 23.90 -59.22
CA ARG A 3 11.72 22.81 -58.33
C ARG A 3 10.36 22.25 -58.75
N TYR A 4 10.31 20.92 -58.94
CA TYR A 4 9.09 20.20 -59.31
C TYR A 4 8.65 19.26 -58.21
N PRO A 5 7.43 19.38 -57.70
CA PRO A 5 6.91 18.35 -56.80
C PRO A 5 6.29 17.20 -57.58
N VAL A 6 6.54 15.99 -57.09
CA VAL A 6 5.89 14.80 -57.64
C VAL A 6 5.67 13.82 -56.50
N PRO A 7 4.49 13.22 -56.41
CA PRO A 7 4.24 12.26 -55.32
C PRO A 7 5.02 10.98 -55.52
N GLU A 8 5.48 10.42 -54.42
CA GLU A 8 6.15 9.13 -54.44
C GLU A 8 5.21 8.05 -54.97
N GLU A 9 5.81 6.96 -55.45
CA GLU A 9 5.08 5.80 -55.95
C GLU A 9 4.20 6.15 -57.16
N SER A 10 4.63 7.11 -57.97
CA SER A 10 3.91 7.44 -59.19
C SER A 10 4.30 6.47 -60.31
N GLN A 11 3.33 6.16 -61.17
CA GLN A 11 3.55 5.17 -62.21
C GLN A 11 4.50 5.70 -63.28
N GLU A 12 5.02 4.77 -64.08
CA GLU A 12 5.87 5.13 -65.21
C GLU A 12 5.14 6.08 -66.15
N GLY A 13 5.83 7.13 -66.59
CA GLY A 13 5.28 8.12 -67.50
C GLY A 13 4.57 9.28 -66.86
N THR A 14 4.53 9.35 -65.53
CA THR A 14 3.89 10.48 -64.86
C THR A 14 4.65 11.78 -65.15
N PHE A 15 3.90 12.84 -65.41
CA PHE A 15 4.50 14.14 -65.74
C PHE A 15 5.09 14.79 -64.51
N VAL A 16 6.36 15.15 -64.58
CA VAL A 16 7.03 15.92 -63.52
C VAL A 16 7.08 17.40 -63.83
N GLY A 17 7.62 17.77 -64.98
CA GLY A 17 7.75 19.17 -65.33
C GLY A 17 8.31 19.35 -66.73
N ASN A 18 8.11 20.56 -67.25
CA ASN A 18 8.62 20.94 -68.56
C ASN A 18 10.00 21.58 -68.36
N VAL A 19 11.03 20.75 -68.27
CA VAL A 19 12.37 21.23 -67.99
C VAL A 19 12.91 22.05 -69.17
N ALA A 20 12.62 21.62 -70.40
CA ALA A 20 13.12 22.36 -71.57
C ALA A 20 12.63 23.79 -71.56
N GLN A 21 11.34 23.99 -71.30
CA GLN A 21 10.77 25.33 -71.26
C GLN A 21 11.34 26.13 -70.10
N ASP A 22 11.59 25.48 -68.97
CA ASP A 22 12.24 26.15 -67.84
C ASP A 22 13.74 26.38 -68.05
N PHE A 23 14.38 25.58 -68.89
CA PHE A 23 15.76 25.82 -69.26
C PHE A 23 15.89 26.77 -70.44
N LEU A 24 14.77 27.28 -70.95
CA LEU A 24 14.76 28.31 -72.00
C LEU A 24 15.38 27.78 -73.29
N LEU A 25 15.08 26.52 -73.61
CA LEU A 25 15.59 25.89 -74.82
C LEU A 25 14.67 26.23 -75.97
N ASP A 26 15.26 26.43 -77.16
CA ASP A 26 14.42 26.71 -78.31
C ASP A 26 13.57 25.49 -78.61
N THR A 27 12.28 25.72 -78.89
CA THR A 27 11.36 24.61 -79.09
C THR A 27 11.72 23.81 -80.33
N GLU A 28 12.18 24.48 -81.40
CA GLU A 28 12.45 23.80 -82.66
C GLU A 28 13.73 22.97 -82.62
N SER A 29 14.53 23.07 -81.56
CA SER A 29 15.87 22.49 -81.53
C SER A 29 16.02 21.36 -80.52
N LEU A 30 14.92 20.87 -79.93
CA LEU A 30 15.03 19.83 -78.90
C LEU A 30 15.67 18.57 -79.46
N SER A 31 15.26 18.14 -80.66
CA SER A 31 15.82 16.93 -81.24
C SER A 31 17.32 17.05 -81.47
N ALA A 32 17.83 18.29 -81.64
CA ALA A 32 19.26 18.49 -81.79
C ALA A 32 19.96 18.56 -80.44
N ARG A 33 19.45 19.37 -79.52
CA ARG A 33 20.10 19.54 -78.22
C ARG A 33 20.18 18.23 -77.45
N ARG A 34 19.17 17.36 -77.60
CA ARG A 34 19.16 16.04 -76.99
C ARG A 34 19.31 16.13 -75.47
N LEU A 35 18.41 16.89 -74.84
CA LEU A 35 18.44 17.06 -73.40
C LEU A 35 18.23 15.72 -72.71
N GLN A 36 19.13 15.37 -71.80
CA GLN A 36 19.07 14.07 -71.13
C GLN A 36 19.41 14.21 -69.66
N VAL A 37 18.91 13.27 -68.87
CA VAL A 37 19.26 13.19 -67.46
C VAL A 37 20.67 12.59 -67.34
N ALA A 38 21.51 13.20 -66.50
CA ALA A 38 22.83 12.67 -66.22
C ALA A 38 22.80 11.91 -64.90
N GLY A 39 23.66 10.90 -64.80
CA GLY A 39 23.74 10.12 -63.58
C GLY A 39 22.99 8.80 -63.61
N GLU A 40 23.69 7.69 -63.33
CA GLU A 40 23.08 6.37 -63.43
C GLU A 40 21.89 6.22 -62.49
N VAL A 41 22.02 6.69 -61.26
CA VAL A 41 20.95 6.52 -60.28
C VAL A 41 19.72 7.31 -60.71
N ASN A 42 19.89 8.58 -61.05
CA ASN A 42 18.74 9.40 -61.44
C ASN A 42 18.17 8.98 -62.78
N GLN A 43 18.96 8.32 -63.63
CA GLN A 43 18.43 7.80 -64.88
C GLN A 43 17.54 6.58 -64.66
N ARG A 44 17.62 5.95 -63.49
CA ARG A 44 16.72 4.84 -63.19
C ARG A 44 15.31 5.34 -62.90
N HIS A 45 15.16 6.59 -62.43
CA HIS A 45 13.86 7.08 -62.01
C HIS A 45 13.28 8.16 -62.91
N PHE A 46 14.10 8.90 -63.64
CA PHE A 46 13.62 9.99 -64.48
C PHE A 46 14.15 9.82 -65.90
N ARG A 47 13.36 10.34 -66.86
CA ARG A 47 13.77 10.41 -68.25
C ARG A 47 13.11 11.64 -68.86
N VAL A 48 13.73 12.14 -69.94
CA VAL A 48 13.23 13.31 -70.66
C VAL A 48 12.68 12.84 -72.00
N ASP A 49 11.44 13.22 -72.29
CA ASP A 49 10.85 12.91 -73.58
C ASP A 49 11.48 13.81 -74.65
N LEU A 50 11.95 13.20 -75.74
CA LEU A 50 12.71 13.94 -76.74
C LEU A 50 11.82 14.88 -77.54
N ASP A 51 10.55 14.55 -77.71
CA ASP A 51 9.69 15.37 -78.55
C ASP A 51 9.19 16.61 -77.79
N SER A 52 8.77 16.44 -76.54
CA SER A 52 8.18 17.54 -75.79
C SER A 52 9.15 18.22 -74.84
N GLY A 53 10.24 17.55 -74.46
CA GLY A 53 11.14 18.11 -73.47
C GLY A 53 10.65 18.04 -72.05
N ALA A 54 9.68 17.17 -71.77
CA ALA A 54 9.10 17.05 -70.45
C ALA A 54 9.85 16.02 -69.62
N LEU A 55 10.04 16.33 -68.34
CA LEU A 55 10.62 15.38 -67.39
C LEU A 55 9.54 14.41 -66.92
N LEU A 56 9.78 13.11 -67.10
CA LEU A 56 8.80 12.08 -66.78
C LEU A 56 9.39 11.08 -65.80
N ILE A 57 8.49 10.42 -65.07
CA ILE A 57 8.89 9.33 -64.19
C ILE A 57 9.18 8.10 -65.04
N LYS A 58 10.36 7.50 -64.83
CA LYS A 58 10.67 6.20 -65.44
C LYS A 58 10.27 5.06 -64.51
N ASN A 59 10.99 4.91 -63.40
CA ASN A 59 10.64 3.91 -62.40
C ASN A 59 10.16 4.57 -61.11
N PRO A 60 9.13 4.03 -60.48
CA PRO A 60 8.56 4.65 -59.27
C PRO A 60 9.59 4.83 -58.15
N ILE A 61 9.41 5.91 -57.40
CA ILE A 61 10.31 6.33 -56.33
C ILE A 61 9.66 6.07 -54.98
N ASP A 62 10.44 5.50 -54.05
CA ASP A 62 10.02 5.31 -52.67
C ASP A 62 10.59 6.45 -51.84
N ARG A 63 9.72 7.30 -51.30
CA ARG A 63 10.18 8.40 -50.46
C ARG A 63 10.79 7.89 -49.16
N GLU A 64 10.22 6.81 -48.61
CA GLU A 64 10.69 6.30 -47.31
C GLU A 64 12.11 5.79 -47.40
N ALA A 65 12.44 5.03 -48.45
CA ALA A 65 13.81 4.53 -48.61
C ALA A 65 14.81 5.65 -48.88
N LEU A 66 14.34 6.81 -49.33
CA LEU A 66 15.20 7.90 -49.75
C LEU A 66 15.47 8.88 -48.62
N CYS A 67 14.42 9.35 -47.95
CA CYS A 67 14.55 10.40 -46.95
C CYS A 67 14.18 9.97 -45.54
N GLY A 68 13.57 8.79 -45.38
CA GLY A 68 13.21 8.32 -44.06
C GLY A 68 12.15 9.19 -43.40
N LEU A 69 12.47 9.74 -42.24
CA LEU A 69 11.52 10.54 -41.47
C LEU A 69 11.73 12.03 -41.66
N SER A 70 12.52 12.43 -42.66
CA SER A 70 12.73 13.85 -42.92
C SER A 70 11.45 14.49 -43.44
N ALA A 71 11.27 15.77 -43.09
CA ALA A 71 10.07 16.50 -43.51
C ALA A 71 10.09 16.80 -45.00
N SER A 72 11.26 17.16 -45.54
CA SER A 72 11.41 17.51 -46.95
C SER A 72 12.31 16.51 -47.65
N CYS A 73 11.89 16.10 -48.85
CA CYS A 73 12.66 15.18 -49.69
C CYS A 73 12.90 15.86 -51.03
N ILE A 74 14.13 16.29 -51.27
CA ILE A 74 14.49 17.04 -52.47
C ILE A 74 15.66 16.35 -53.16
N VAL A 75 15.49 16.07 -54.45
CA VAL A 75 16.46 15.33 -55.26
C VAL A 75 17.03 16.28 -56.32
N PRO A 76 18.30 16.67 -56.22
CA PRO A 76 18.90 17.49 -57.29
C PRO A 76 19.15 16.66 -58.55
N LEU A 77 18.63 17.14 -59.67
CA LEU A 77 18.79 16.48 -60.96
C LEU A 77 19.72 17.28 -61.86
N GLU A 78 20.58 16.58 -62.58
CA GLU A 78 21.49 17.17 -63.54
C GLU A 78 21.13 16.74 -64.95
N PHE A 79 21.25 17.68 -65.89
CA PHE A 79 20.88 17.45 -67.27
C PHE A 79 22.04 17.86 -68.17
N VAL A 80 22.12 17.23 -69.34
CA VAL A 80 23.20 17.47 -70.30
C VAL A 80 22.60 17.67 -71.69
N THR A 81 23.15 18.63 -72.43
CA THR A 81 22.84 18.84 -73.83
C THR A 81 24.12 18.75 -74.65
N GLU A 82 23.93 18.65 -75.98
CA GLU A 82 25.03 18.72 -76.93
C GLU A 82 24.69 19.75 -77.99
N GLY A 83 25.74 20.44 -78.45
CA GLY A 83 25.61 21.40 -79.52
C GLY A 83 24.97 22.70 -79.09
N PRO A 84 25.64 23.47 -78.22
CA PRO A 84 26.90 23.19 -77.53
C PRO A 84 26.71 22.31 -76.29
N LEU A 85 27.82 21.77 -75.80
CA LEU A 85 27.81 20.92 -74.61
C LEU A 85 27.48 21.76 -73.38
N GLU A 86 26.35 21.47 -72.73
CA GLU A 86 25.91 22.26 -71.59
C GLU A 86 25.30 21.36 -70.53
N MET A 87 25.28 21.88 -69.30
CA MET A 87 24.73 21.20 -68.14
C MET A 87 23.69 22.08 -67.47
N TYR A 88 22.60 21.46 -67.02
CA TYR A 88 21.50 22.16 -66.38
C TYR A 88 21.14 21.44 -65.09
N ARG A 89 20.46 22.16 -64.19
CA ARG A 89 20.17 21.62 -62.88
C ARG A 89 18.73 21.94 -62.49
N ALA A 90 18.08 20.98 -61.83
CA ALA A 90 16.74 21.18 -61.29
C ALA A 90 16.56 20.26 -60.10
N GLU A 91 15.60 20.60 -59.24
CA GLU A 91 15.31 19.86 -58.02
C GLU A 91 13.92 19.26 -58.11
N VAL A 92 13.80 17.99 -57.77
CA VAL A 92 12.52 17.29 -57.69
C VAL A 92 12.19 17.07 -56.23
N GLU A 93 11.04 17.58 -55.80
CA GLU A 93 10.55 17.34 -54.45
C GLU A 93 9.64 16.11 -54.46
N ILE A 94 10.01 15.10 -53.69
CA ILE A 94 9.23 13.87 -53.59
C ILE A 94 8.20 14.06 -52.49
N VAL A 95 6.92 14.06 -52.87
CA VAL A 95 5.83 14.32 -51.93
C VAL A 95 5.36 13.00 -51.33
N ASP A 96 5.27 12.97 -50.00
CA ASP A 96 4.87 11.76 -49.31
C ASP A 96 3.41 11.44 -49.60
N VAL A 97 3.12 10.16 -49.80
CA VAL A 97 1.76 9.67 -49.85
C VAL A 97 1.51 8.82 -48.61
N ASN A 98 0.24 8.52 -48.35
CA ASN A 98 -0.16 7.83 -47.13
C ASN A 98 -0.17 6.32 -47.35
N ASP A 99 0.98 5.78 -47.71
CA ASP A 99 1.13 4.35 -47.97
C ASP A 99 1.63 3.58 -46.76
N HIS A 100 1.50 4.14 -45.56
CA HIS A 100 1.77 3.41 -44.33
C HIS A 100 0.62 3.59 -43.36
N ALA A 101 0.08 2.50 -42.90
CA ALA A 101 -0.85 2.52 -41.80
C ALA A 101 -0.09 2.47 -40.47
N PRO A 102 -0.61 3.12 -39.42
CA PRO A 102 -0.02 2.94 -38.10
C PRO A 102 -0.05 1.48 -37.68
N ARG A 103 1.03 1.02 -37.07
CA ARG A 103 1.15 -0.38 -36.68
C ARG A 103 1.96 -0.49 -35.41
N PHE A 104 1.38 -1.09 -34.39
CA PHE A 104 2.12 -1.39 -33.16
C PHE A 104 3.03 -2.59 -33.38
N PRO A 105 4.30 -2.49 -32.97
CA PRO A 105 5.20 -3.65 -33.14
C PRO A 105 4.74 -4.88 -32.37
N ARG A 106 4.00 -4.69 -31.29
CA ARG A 106 3.36 -5.79 -30.57
C ARG A 106 1.86 -5.52 -30.48
N GLN A 107 1.06 -6.52 -30.83
CA GLN A 107 -0.39 -6.41 -30.72
C GLN A 107 -0.91 -6.81 -29.34
N GLN A 108 -0.04 -7.32 -28.47
CA GLN A 108 -0.39 -7.66 -27.10
C GLN A 108 0.51 -6.88 -26.15
N LEU A 109 -0.05 -5.90 -25.44
CA LEU A 109 0.67 -5.14 -24.43
C LEU A 109 0.09 -5.43 -23.05
N ASP A 110 0.97 -5.70 -22.09
CA ASP A 110 0.58 -6.09 -20.74
C ASP A 110 1.17 -5.14 -19.72
N LEU A 111 0.33 -4.61 -18.83
CA LEU A 111 0.76 -3.75 -17.74
C LEU A 111 0.36 -4.35 -16.39
N GLU A 112 1.28 -4.30 -15.44
CA GLU A 112 1.04 -4.70 -14.06
C GLU A 112 1.15 -3.47 -13.18
N ILE A 113 0.02 -3.05 -12.58
CA ILE A 113 -0.04 -1.85 -11.77
C ILE A 113 -0.35 -2.25 -10.33
N GLY A 114 0.38 -1.66 -9.39
CA GLY A 114 0.14 -1.95 -7.99
C GLY A 114 -1.21 -1.38 -7.53
N GLU A 115 -1.90 -2.16 -6.71
CA GLU A 115 -3.23 -1.78 -6.23
C GLU A 115 -3.23 -0.42 -5.54
N ALA A 116 -2.13 -0.05 -4.89
CA ALA A 116 -2.01 1.22 -4.17
C ALA A 116 -1.30 2.30 -4.99
N ALA A 117 -1.35 2.21 -6.31
CA ALA A 117 -0.75 3.25 -7.13
C ALA A 117 -1.52 4.56 -6.95
N PRO A 118 -0.84 5.68 -6.72
CA PRO A 118 -1.53 6.94 -6.50
C PRO A 118 -2.15 7.45 -7.79
N PRO A 119 -3.35 8.04 -7.72
CA PRO A 119 -3.92 8.67 -8.91
C PRO A 119 -3.00 9.76 -9.45
N GLY A 120 -2.91 9.84 -10.77
CA GLY A 120 -1.98 10.74 -11.42
C GLY A 120 -0.69 10.09 -11.87
N GLN A 121 -0.41 8.86 -11.47
CA GLN A 121 0.80 8.19 -11.91
C GLN A 121 0.66 7.77 -13.37
N ARG A 122 1.77 7.87 -14.11
CA ARG A 122 1.79 7.59 -15.53
C ARG A 122 2.58 6.32 -15.81
N PHE A 123 2.18 5.62 -16.87
CA PHE A 123 2.81 4.37 -17.25
C PHE A 123 3.09 4.41 -18.74
N PRO A 124 4.32 4.12 -19.17
CA PRO A 124 4.64 4.20 -20.59
C PRO A 124 3.91 3.15 -21.40
N LEU A 125 3.63 3.50 -22.65
CA LEU A 125 3.07 2.58 -23.62
C LEU A 125 3.97 2.56 -24.85
N GLU A 126 4.04 1.40 -25.49
CA GLU A 126 4.83 1.27 -26.71
C GLU A 126 4.07 1.95 -27.85
N LYS A 127 4.72 2.93 -28.47
CA LYS A 127 4.08 3.71 -29.52
C LYS A 127 4.04 2.93 -30.83
N ALA A 128 3.00 3.20 -31.62
CA ALA A 128 2.90 2.63 -32.95
C ALA A 128 3.88 3.31 -33.90
N GLN A 129 4.15 2.65 -35.02
CA GLN A 129 5.07 3.15 -36.03
C GLN A 129 4.31 3.49 -37.30
N ASP A 130 4.61 4.66 -37.87
CA ASP A 130 4.04 5.10 -39.14
C ASP A 130 5.17 5.77 -39.92
N ALA A 131 5.68 5.08 -40.94
CA ALA A 131 6.87 5.53 -41.65
C ALA A 131 6.63 6.79 -42.49
N ASP A 132 5.38 7.22 -42.67
CA ASP A 132 5.12 8.44 -43.42
C ASP A 132 5.50 9.66 -42.58
N VAL A 133 5.42 10.84 -43.18
CA VAL A 133 5.77 12.09 -42.52
C VAL A 133 4.63 13.09 -42.73
N GLY A 134 4.74 14.21 -42.03
CA GLY A 134 3.75 15.26 -42.18
C GLY A 134 2.39 14.84 -41.67
N SER A 135 1.34 15.26 -42.39
CA SER A 135 -0.03 14.93 -42.01
C SER A 135 -0.32 13.44 -42.14
N ASN A 136 0.50 12.70 -42.89
CA ASN A 136 0.29 11.26 -43.06
C ASN A 136 0.85 10.44 -41.90
N SER A 137 1.61 11.07 -41.00
CA SER A 137 2.11 10.35 -39.83
C SER A 137 1.05 10.31 -38.74
N ILE A 138 1.39 9.67 -37.62
CA ILE A 138 0.42 9.51 -36.53
C ILE A 138 0.00 10.87 -36.00
N SER A 139 -1.32 11.07 -35.86
CA SER A 139 -1.87 12.34 -35.40
C SER A 139 -2.55 12.27 -34.05
N SER A 140 -3.06 11.10 -33.64
CA SER A 140 -3.71 11.00 -32.35
C SER A 140 -3.77 9.56 -31.89
N TYR A 141 -3.84 9.39 -30.58
CA TYR A 141 -4.05 8.10 -29.94
C TYR A 141 -5.40 8.11 -29.24
N ARG A 142 -6.06 6.96 -29.21
CA ARG A 142 -7.36 6.82 -28.55
C ARG A 142 -7.37 5.59 -27.67
N LEU A 143 -8.03 5.71 -26.52
CA LEU A 143 -8.18 4.62 -25.56
C LEU A 143 -9.67 4.33 -25.39
N SER A 144 -10.02 3.05 -25.42
CA SER A 144 -11.41 2.64 -25.30
C SER A 144 -12.02 3.14 -23.99
N SER A 145 -13.34 3.21 -23.98
CA SER A 145 -14.08 3.71 -22.82
C SER A 145 -13.75 2.89 -21.58
N ASN A 146 -13.40 3.59 -20.50
CA ASN A 146 -13.23 2.99 -19.19
C ASN A 146 -13.35 4.10 -18.15
N GLU A 147 -13.19 3.71 -16.89
CA GLU A 147 -13.43 4.61 -15.77
C GLU A 147 -12.20 4.98 -14.95
N HIS A 148 -11.11 4.23 -15.08
CA HIS A 148 -9.92 4.49 -14.27
C HIS A 148 -8.72 5.05 -15.05
N PHE A 149 -8.63 4.81 -16.36
CA PHE A 149 -7.44 5.15 -17.13
C PHE A 149 -7.75 6.19 -18.18
N ALA A 150 -6.78 7.09 -18.41
CA ALA A 150 -6.84 8.05 -19.50
C ALA A 150 -5.48 8.11 -20.18
N LEU A 151 -5.43 8.81 -21.30
CA LEU A 151 -4.21 8.98 -22.07
C LEU A 151 -3.59 10.35 -21.82
N ASP A 152 -2.27 10.38 -21.70
CA ASP A 152 -1.49 11.62 -21.60
C ASP A 152 -0.44 11.55 -22.71
N VAL A 153 -0.72 12.24 -23.83
CA VAL A 153 0.10 12.16 -25.04
C VAL A 153 1.06 13.35 -25.09
N LYS A 154 2.34 13.06 -25.27
CA LYS A 154 3.38 14.08 -25.31
C LYS A 154 3.83 14.29 -26.75
N LYS A 155 4.10 15.55 -27.10
CA LYS A 155 4.49 15.96 -28.45
C LYS A 155 5.97 16.35 -28.47
N ARG A 156 6.76 15.64 -29.26
CA ARG A 156 8.18 15.97 -29.33
C ARG A 156 8.45 17.00 -30.44
N SER A 157 9.71 17.45 -30.50
CA SER A 157 10.05 18.61 -31.32
C SER A 157 9.87 18.32 -32.80
N ASP A 158 10.02 17.06 -33.21
CA ASP A 158 9.88 16.65 -34.60
C ASP A 158 8.46 16.28 -34.96
N GLY A 159 7.55 16.23 -33.99
CA GLY A 159 6.18 15.87 -34.25
C GLY A 159 5.80 14.45 -33.88
N SER A 160 6.68 13.72 -33.20
CA SER A 160 6.33 12.38 -32.75
C SER A 160 5.47 12.44 -31.50
N LEU A 161 4.50 11.55 -31.42
CA LEU A 161 3.62 11.43 -30.27
C LEU A 161 4.15 10.34 -29.35
N VAL A 162 4.16 10.63 -28.05
CA VAL A 162 4.58 9.64 -27.07
C VAL A 162 3.40 9.37 -26.14
N PRO A 163 2.73 8.23 -26.27
CA PRO A 163 1.53 7.99 -25.45
C PRO A 163 1.87 7.43 -24.09
N GLU A 164 1.16 7.91 -23.08
CA GLU A 164 1.31 7.44 -21.70
C GLU A 164 -0.07 7.14 -21.13
N LEU A 165 -0.15 6.07 -20.33
CA LEU A 165 -1.38 5.71 -19.65
C LEU A 165 -1.41 6.41 -18.30
N LEU A 166 -2.49 7.13 -18.03
CA LEU A 166 -2.62 7.94 -16.83
C LEU A 166 -3.73 7.38 -15.95
N LEU A 167 -3.39 7.06 -14.71
CA LEU A 167 -4.37 6.58 -13.74
C LEU A 167 -5.15 7.78 -13.21
N GLU A 168 -6.47 7.79 -13.44
CA GLU A 168 -7.33 8.88 -13.02
C GLU A 168 -8.04 8.62 -11.69
N LYS A 169 -8.47 7.39 -11.43
CA LYS A 169 -9.14 7.03 -10.20
C LYS A 169 -8.42 5.89 -9.49
N PRO A 170 -8.44 5.87 -8.16
CA PRO A 170 -7.74 4.80 -7.43
C PRO A 170 -8.27 3.41 -7.78
N LEU A 171 -7.37 2.44 -7.74
CA LEU A 171 -7.68 1.05 -8.02
C LEU A 171 -8.02 0.27 -6.76
N ASP A 172 -8.63 -0.90 -6.96
CA ASP A 172 -8.95 -1.82 -5.87
C ASP A 172 -9.02 -3.22 -6.46
N ARG A 173 -7.96 -4.02 -6.25
CA ARG A 173 -7.94 -5.37 -6.80
C ARG A 173 -9.08 -6.23 -6.26
N GLU A 174 -9.53 -5.97 -5.03
CA GLU A 174 -10.61 -6.76 -4.46
C GLU A 174 -11.94 -6.53 -5.17
N LYS A 175 -12.06 -5.47 -5.96
CA LYS A 175 -13.25 -5.22 -6.76
C LYS A 175 -13.06 -5.60 -8.24
N GLN A 176 -11.90 -5.32 -8.82
CA GLN A 176 -11.65 -5.67 -10.21
C GLN A 176 -10.14 -5.80 -10.41
N SER A 177 -9.70 -6.99 -10.85
CA SER A 177 -8.27 -7.26 -11.00
C SER A 177 -7.75 -7.11 -12.42
N ASP A 178 -8.62 -7.16 -13.43
CA ASP A 178 -8.20 -7.11 -14.82
C ASP A 178 -9.00 -6.08 -15.60
N TYR A 179 -8.30 -5.37 -16.48
CA TYR A 179 -8.92 -4.43 -17.40
C TYR A 179 -8.50 -4.79 -18.81
N ARG A 180 -9.46 -4.91 -19.71
CA ARG A 180 -9.21 -5.19 -21.12
C ARG A 180 -9.51 -3.93 -21.92
N LEU A 181 -8.47 -3.33 -22.49
CA LEU A 181 -8.59 -2.10 -23.24
C LEU A 181 -8.00 -2.26 -24.63
N VAL A 182 -8.50 -1.47 -25.58
CA VAL A 182 -7.93 -1.38 -26.92
C VAL A 182 -7.35 0.02 -27.09
N LEU A 183 -6.12 0.08 -27.60
CA LEU A 183 -5.41 1.33 -27.87
C LEU A 183 -5.35 1.52 -29.38
N THR A 184 -5.73 2.71 -29.84
CA THR A 184 -5.83 3.01 -31.26
C THR A 184 -4.94 4.20 -31.60
N ALA A 185 -4.23 4.09 -32.72
CA ALA A 185 -3.42 5.16 -33.28
C ALA A 185 -3.90 5.46 -34.70
N VAL A 186 -4.12 6.74 -34.98
CA VAL A 186 -4.70 7.19 -36.24
C VAL A 186 -3.81 8.24 -36.88
N ASP A 187 -3.60 8.15 -38.20
CA ASP A 187 -2.86 9.20 -38.89
C ASP A 187 -3.84 10.25 -39.41
N GLY A 188 -3.31 11.31 -40.02
CA GLY A 188 -4.14 12.36 -40.55
C GLY A 188 -4.28 12.33 -42.06
N GLY A 189 -4.23 11.13 -42.64
CA GLY A 189 -4.41 10.98 -44.08
C GLY A 189 -5.85 11.10 -44.51
N ASN A 190 -6.06 11.07 -45.83
CA ASN A 190 -7.38 11.13 -46.43
C ASN A 190 -7.57 9.94 -47.37
N PRO A 191 -8.26 8.89 -46.93
CA PRO A 191 -8.88 8.80 -45.59
C PRO A 191 -7.87 8.47 -44.50
N PRO A 192 -8.22 8.75 -43.24
CA PRO A 192 -7.30 8.40 -42.14
C PRO A 192 -7.13 6.90 -42.04
N ARG A 193 -5.89 6.48 -41.78
CA ARG A 193 -5.57 5.08 -41.55
C ARG A 193 -5.18 4.89 -40.09
N SER A 194 -5.45 3.70 -39.56
CA SER A 194 -5.22 3.45 -38.14
C SER A 194 -4.82 2.00 -37.90
N GLY A 195 -4.32 1.75 -36.70
CA GLY A 195 -4.02 0.40 -36.24
C GLY A 195 -4.23 0.33 -34.73
N THR A 196 -4.49 -0.88 -34.25
CA THR A 196 -4.87 -1.07 -32.85
C THR A 196 -3.94 -2.08 -32.17
N ALA A 197 -4.01 -2.06 -30.84
CA ALA A 197 -3.30 -2.98 -29.97
C ALA A 197 -4.17 -3.32 -28.76
N GLU A 198 -4.08 -4.57 -28.31
CA GLU A 198 -4.84 -5.03 -27.15
C GLU A 198 -4.04 -4.78 -25.88
N LEU A 199 -4.64 -4.08 -24.92
CA LEU A 199 -3.98 -3.70 -23.67
C LEU A 199 -4.63 -4.42 -22.50
N ARG A 200 -3.87 -5.34 -21.88
CA ARG A 200 -4.31 -6.06 -20.69
C ARG A 200 -3.54 -5.51 -19.49
N VAL A 201 -4.26 -4.86 -18.57
CA VAL A 201 -3.68 -4.36 -17.33
C VAL A 201 -4.19 -5.21 -16.18
N SER A 202 -3.28 -5.68 -15.34
CA SER A 202 -3.59 -6.45 -14.15
C SER A 202 -3.22 -5.67 -12.89
N VAL A 203 -4.02 -5.84 -11.85
CA VAL A 203 -3.82 -5.15 -10.58
C VAL A 203 -3.18 -6.12 -9.60
N LEU A 204 -1.99 -5.78 -9.11
CA LEU A 204 -1.27 -6.63 -8.18
C LEU A 204 -1.78 -6.39 -6.76
N ASP A 205 -1.88 -7.46 -5.98
CA ASP A 205 -2.50 -7.37 -4.67
C ASP A 205 -1.54 -6.78 -3.64
N VAL A 206 -2.07 -5.87 -2.83
CA VAL A 206 -1.41 -5.43 -1.60
C VAL A 206 -2.21 -5.98 -0.43
N ASN A 207 -1.50 -6.31 0.65
CA ASN A 207 -2.15 -6.76 1.87
C ASN A 207 -2.72 -5.53 2.60
N ASP A 208 -3.85 -5.04 2.09
CA ASP A 208 -4.48 -3.85 2.62
C ASP A 208 -5.77 -4.17 3.38
N ASN A 209 -6.08 -5.44 3.61
CA ASN A 209 -7.24 -5.84 4.40
C ASN A 209 -6.80 -6.64 5.60
N ALA A 210 -7.25 -6.25 6.78
CA ALA A 210 -7.20 -7.10 7.95
C ALA A 210 -8.40 -8.05 7.92
N PRO A 211 -8.31 -9.20 8.60
CA PRO A 211 -9.48 -10.08 8.69
C PRO A 211 -10.66 -9.34 9.31
N ALA A 212 -11.86 -9.77 8.93
CA ALA A 212 -13.10 -9.18 9.43
C ALA A 212 -13.96 -10.25 10.07
N PHE A 213 -14.31 -10.05 11.34
CA PHE A 213 -15.20 -10.97 12.04
C PHE A 213 -16.63 -10.76 11.56
N GLN A 214 -17.44 -11.83 11.68
CA GLN A 214 -18.84 -11.75 11.29
C GLN A 214 -19.59 -10.70 12.11
N GLN A 215 -19.31 -10.65 13.41
CA GLN A 215 -19.94 -9.70 14.30
C GLN A 215 -18.85 -8.91 15.02
N SER A 216 -19.21 -7.71 15.48
CA SER A 216 -18.23 -6.88 16.17
C SER A 216 -17.87 -7.46 17.54
N SER A 217 -18.83 -8.11 18.19
CA SER A 217 -18.58 -8.80 19.45
C SER A 217 -19.57 -9.94 19.57
N TYR A 218 -19.21 -10.93 20.39
CA TYR A 218 -20.05 -12.10 20.64
C TYR A 218 -20.31 -12.22 22.12
N ARG A 219 -21.54 -12.62 22.46
CA ARG A 219 -21.93 -12.81 23.86
C ARG A 219 -22.53 -14.20 23.98
N ILE A 220 -22.02 -14.99 24.93
CA ILE A 220 -22.34 -16.41 25.03
C ILE A 220 -22.85 -16.70 26.43
N SER A 221 -23.88 -17.54 26.51
CA SER A 221 -24.37 -18.06 27.78
C SER A 221 -24.12 -19.56 27.83
N VAL A 222 -23.64 -20.04 28.98
CA VAL A 222 -23.31 -21.45 29.14
C VAL A 222 -23.63 -21.86 30.57
N LEU A 223 -24.20 -23.05 30.71
CA LEU A 223 -24.52 -23.59 32.03
C LEU A 223 -23.24 -24.00 32.76
N GLU A 224 -23.19 -23.70 34.06
CA GLU A 224 -22.01 -23.99 34.86
C GLU A 224 -21.72 -25.48 34.95
N SER A 225 -22.63 -26.35 34.51
CA SER A 225 -22.41 -27.79 34.48
C SER A 225 -21.88 -28.29 33.16
N ALA A 226 -21.62 -27.41 32.20
CA ALA A 226 -21.21 -27.83 30.87
C ALA A 226 -19.93 -28.68 30.94
N PRO A 227 -19.85 -29.77 30.20
CA PRO A 227 -18.68 -30.65 30.30
C PRO A 227 -17.49 -30.08 29.55
N ALA A 228 -16.30 -30.51 29.97
CA ALA A 228 -15.09 -30.11 29.28
C ALA A 228 -15.10 -30.62 27.85
N GLY A 229 -14.59 -29.80 26.94
CA GLY A 229 -14.58 -30.12 25.53
C GLY A 229 -15.80 -29.64 24.76
N MET A 230 -16.72 -28.95 25.41
CA MET A 230 -17.89 -28.42 24.72
C MET A 230 -17.51 -27.19 23.90
N VAL A 231 -18.02 -27.14 22.68
CA VAL A 231 -17.79 -25.99 21.81
C VAL A 231 -18.80 -24.90 22.17
N LEU A 232 -18.30 -23.75 22.63
CA LEU A 232 -19.19 -22.66 22.99
C LEU A 232 -19.57 -21.82 21.78
N ILE A 233 -18.66 -21.65 20.82
CA ILE A 233 -18.90 -20.83 19.65
C ILE A 233 -17.81 -21.11 18.64
N GLN A 234 -18.10 -20.88 17.36
CA GLN A 234 -17.11 -20.93 16.29
C GLN A 234 -16.98 -19.54 15.70
N LEU A 235 -15.80 -18.94 15.87
CA LEU A 235 -15.54 -17.62 15.30
C LEU A 235 -15.22 -17.76 13.82
N ASN A 236 -15.82 -16.89 13.01
CA ASN A 236 -15.60 -16.86 11.57
C ASN A 236 -15.09 -15.47 11.18
N ALA A 237 -14.01 -15.45 10.40
CA ALA A 237 -13.46 -14.21 9.88
C ALA A 237 -12.99 -14.46 8.45
N SER A 238 -13.18 -13.46 7.60
CA SER A 238 -12.77 -13.54 6.20
C SER A 238 -11.75 -12.46 5.91
N ASP A 239 -10.90 -12.73 4.93
CA ASP A 239 -9.89 -11.79 4.48
C ASP A 239 -9.80 -11.89 2.96
N PRO A 240 -10.17 -10.82 2.24
CA PRO A 240 -10.31 -10.92 0.78
C PRO A 240 -9.01 -10.86 0.00
N ASP A 241 -7.87 -10.60 0.66
CA ASP A 241 -6.61 -10.53 -0.06
C ASP A 241 -6.20 -11.89 -0.62
N LEU A 242 -5.15 -11.90 -1.42
CA LEU A 242 -4.71 -13.08 -2.15
C LEU A 242 -3.58 -13.80 -1.41
N GLY A 243 -3.59 -15.12 -1.54
CA GLY A 243 -2.54 -15.95 -0.98
C GLY A 243 -2.53 -15.93 0.53
N PRO A 244 -1.35 -16.04 1.12
CA PRO A 244 -1.26 -16.01 2.59
C PRO A 244 -1.84 -14.75 3.20
N SER A 245 -1.81 -13.63 2.47
CA SER A 245 -2.41 -12.39 2.95
C SER A 245 -3.92 -12.47 3.12
N GLY A 246 -4.55 -13.54 2.65
CA GLY A 246 -5.97 -13.72 2.84
C GLY A 246 -6.31 -14.95 3.65
N ASN A 247 -5.30 -15.54 4.29
CA ASN A 247 -5.44 -16.75 5.09
C ASN A 247 -5.49 -16.39 6.57
N VAL A 248 -6.60 -16.72 7.23
CA VAL A 248 -6.89 -16.28 8.59
C VAL A 248 -6.60 -17.39 9.60
N THR A 249 -5.95 -17.02 10.70
CA THR A 249 -5.79 -17.89 11.86
C THR A 249 -6.16 -17.13 13.12
N PHE A 250 -6.60 -17.87 14.14
CA PHE A 250 -7.15 -17.29 15.36
C PHE A 250 -6.26 -17.59 16.56
N SER A 251 -6.27 -16.68 17.54
CA SER A 251 -5.53 -16.86 18.78
C SER A 251 -6.09 -15.91 19.83
N PHE A 252 -5.73 -16.16 21.08
CA PHE A 252 -6.01 -15.19 22.14
C PHE A 252 -5.13 -13.97 21.94
N SER A 253 -5.61 -12.81 22.42
CA SER A 253 -4.77 -11.63 22.48
C SER A 253 -3.52 -11.90 23.32
N GLY A 254 -2.47 -11.13 23.06
CA GLY A 254 -1.21 -11.37 23.75
C GLY A 254 -1.30 -11.17 25.25
N HIS A 255 -2.19 -10.30 25.71
CA HIS A 255 -2.30 -9.94 27.12
C HIS A 255 -3.34 -10.76 27.86
N THR A 256 -3.72 -11.92 27.35
CA THR A 256 -4.84 -12.67 27.92
C THR A 256 -4.44 -13.31 29.23
N PRO A 257 -5.15 -13.05 30.34
CA PRO A 257 -4.73 -13.60 31.63
C PRO A 257 -4.89 -15.10 31.70
N ASP A 258 -4.12 -15.71 32.61
CA ASP A 258 -4.08 -17.16 32.70
C ASP A 258 -5.40 -17.75 33.22
N ARG A 259 -6.16 -17.03 34.04
CA ARG A 259 -7.45 -17.57 34.50
C ARG A 259 -8.40 -17.80 33.32
N VAL A 260 -8.24 -17.01 32.25
CA VAL A 260 -9.01 -17.26 31.03
C VAL A 260 -8.40 -18.39 30.23
N ARG A 261 -7.08 -18.34 30.02
CA ARG A 261 -6.41 -19.36 29.23
C ARG A 261 -6.57 -20.75 29.86
N ASN A 262 -6.77 -20.83 31.17
CA ASN A 262 -6.95 -22.11 31.82
C ASN A 262 -8.30 -22.75 31.49
N LEU A 263 -9.33 -21.93 31.27
CA LEU A 263 -10.68 -22.47 31.06
C LEU A 263 -11.10 -22.55 29.60
N PHE A 264 -10.51 -21.74 28.71
CA PHE A 264 -10.94 -21.72 27.32
C PHE A 264 -9.74 -21.89 26.40
N SER A 265 -9.98 -22.54 25.27
CA SER A 265 -8.98 -22.72 24.23
C SER A 265 -9.64 -22.47 22.89
N LEU A 266 -8.84 -21.99 21.94
CA LEU A 266 -9.34 -21.52 20.64
C LEU A 266 -8.56 -22.23 19.54
N HIS A 267 -9.27 -22.96 18.69
CA HIS A 267 -8.59 -23.70 17.63
C HIS A 267 -8.12 -22.70 16.57
N PRO A 268 -6.83 -22.73 16.20
CA PRO A 268 -6.29 -21.65 15.37
C PRO A 268 -6.87 -21.61 13.96
N THR A 269 -7.25 -22.76 13.41
CA THR A 269 -7.78 -22.83 12.05
C THR A 269 -9.31 -22.69 12.01
N THR A 270 -10.02 -23.47 12.82
CA THR A 270 -11.47 -23.50 12.76
C THR A 270 -12.12 -22.35 13.52
N GLY A 271 -11.39 -21.72 14.45
CA GLY A 271 -11.99 -20.72 15.30
C GLY A 271 -12.94 -21.23 16.35
N LYS A 272 -13.02 -22.54 16.55
CA LYS A 272 -13.88 -23.09 17.60
C LYS A 272 -13.28 -22.80 18.98
N LEU A 273 -14.07 -22.15 19.83
CA LEU A 273 -13.73 -21.93 21.23
C LEU A 273 -14.31 -23.08 22.06
N THR A 274 -13.45 -23.80 22.76
CA THR A 274 -13.88 -24.92 23.58
C THR A 274 -13.65 -24.64 25.06
N LEU A 275 -14.33 -25.43 25.89
CA LEU A 275 -14.23 -25.36 27.34
C LEU A 275 -13.21 -26.37 27.83
N GLN A 276 -12.29 -25.93 28.69
CA GLN A 276 -11.14 -26.74 29.10
C GLN A 276 -11.24 -27.29 30.51
N GLY A 277 -12.18 -26.83 31.33
CA GLY A 277 -12.24 -27.25 32.70
C GLY A 277 -13.55 -26.91 33.39
N PRO A 278 -13.65 -27.25 34.68
CA PRO A 278 -14.91 -27.08 35.41
C PRO A 278 -15.26 -25.61 35.63
N LEU A 279 -16.53 -25.30 35.44
CA LEU A 279 -17.10 -24.00 35.75
C LEU A 279 -17.83 -24.04 37.09
N ASP A 280 -18.01 -22.84 37.68
CA ASP A 280 -18.70 -22.72 38.96
C ASP A 280 -19.32 -21.32 39.02
N PHE A 281 -20.64 -21.25 38.82
CA PHE A 281 -21.34 -19.97 38.91
C PHE A 281 -21.16 -19.32 40.27
N GLU A 282 -20.97 -20.12 41.32
CA GLU A 282 -20.89 -19.58 42.67
C GLU A 282 -19.61 -18.78 42.91
N SER A 283 -18.52 -19.12 42.23
CA SER A 283 -17.25 -18.40 42.38
C SER A 283 -17.00 -17.38 41.29
N GLU A 284 -17.40 -17.66 40.05
CA GLU A 284 -17.19 -16.76 38.92
C GLU A 284 -18.38 -16.86 37.99
N ASN A 285 -18.99 -15.72 37.66
CA ASN A 285 -20.19 -15.71 36.84
C ASN A 285 -19.97 -15.24 35.40
N TYR A 286 -18.83 -14.63 35.07
CA TYR A 286 -18.62 -14.24 33.68
C TYR A 286 -17.14 -14.05 33.41
N TYR A 287 -16.79 -14.11 32.11
CA TYR A 287 -15.43 -13.92 31.64
C TYR A 287 -15.46 -13.02 30.41
N GLU A 288 -14.59 -12.02 30.39
CA GLU A 288 -14.41 -11.15 29.22
C GLU A 288 -12.96 -11.15 28.80
N PHE A 289 -12.72 -11.37 27.52
CA PHE A 289 -11.37 -11.41 26.97
C PHE A 289 -11.46 -11.07 25.49
N ASP A 290 -10.31 -10.78 24.90
CA ASP A 290 -10.21 -10.42 23.50
C ASP A 290 -9.53 -11.55 22.74
N VAL A 291 -10.02 -11.82 21.53
CA VAL A 291 -9.41 -12.76 20.62
C VAL A 291 -9.02 -11.98 19.37
N ARG A 292 -8.09 -12.54 18.58
CA ARG A 292 -7.60 -11.85 17.40
C ARG A 292 -7.52 -12.81 16.23
N ALA A 293 -7.71 -12.24 15.04
CA ALA A 293 -7.51 -12.93 13.78
C ALA A 293 -6.33 -12.29 13.05
N ARG A 294 -5.37 -13.12 12.63
CA ARG A 294 -4.20 -12.66 11.91
C ARG A 294 -4.16 -13.28 10.52
N ASP A 295 -3.80 -12.50 9.52
CA ASP A 295 -3.56 -13.09 8.21
C ASP A 295 -2.11 -13.53 8.10
N GLY A 296 -1.81 -14.29 7.05
CA GLY A 296 -0.48 -14.81 6.85
C GLY A 296 0.44 -13.90 6.06
N GLY A 297 0.09 -12.62 5.99
CA GLY A 297 0.91 -11.64 5.32
C GLY A 297 2.20 -11.32 6.07
N SER A 298 3.06 -10.57 5.39
CA SER A 298 4.35 -10.16 5.94
C SER A 298 4.52 -8.65 5.75
N PRO A 299 4.29 -7.83 6.79
CA PRO A 299 3.89 -8.23 8.15
C PRO A 299 2.41 -8.57 8.22
N ALA A 300 1.98 -9.21 9.31
CA ALA A 300 0.61 -9.69 9.40
C ALA A 300 -0.32 -8.57 9.82
N MET A 301 -1.52 -8.58 9.23
CA MET A 301 -2.60 -7.70 9.66
C MET A 301 -3.48 -8.46 10.64
N GLU A 302 -3.87 -7.79 11.72
CA GLU A 302 -4.72 -8.42 12.72
C GLU A 302 -5.90 -7.53 13.09
N GLN A 303 -6.98 -8.19 13.46
CA GLN A 303 -8.19 -7.55 13.96
C GLN A 303 -8.61 -8.27 15.24
N HIS A 304 -8.97 -7.49 16.26
CA HIS A 304 -9.37 -8.05 17.53
C HIS A 304 -10.89 -8.08 17.65
N CYS A 305 -11.38 -8.97 18.51
CA CYS A 305 -12.79 -9.15 18.78
C CYS A 305 -12.98 -9.42 20.26
N SER A 306 -14.04 -8.85 20.82
CA SER A 306 -14.31 -8.98 22.25
C SER A 306 -15.31 -10.09 22.49
N LEU A 307 -14.97 -10.99 23.42
CA LEU A 307 -15.82 -12.10 23.80
C LEU A 307 -16.26 -11.96 25.25
N ARG A 308 -17.53 -12.23 25.52
CA ARG A 308 -18.06 -12.28 26.88
C ARG A 308 -18.83 -13.57 27.05
N VAL A 309 -18.48 -14.35 28.08
CA VAL A 309 -19.12 -15.62 28.37
C VAL A 309 -19.81 -15.48 29.72
N ASP A 310 -21.14 -15.55 29.72
CA ASP A 310 -21.94 -15.49 30.93
C ASP A 310 -22.30 -16.89 31.38
N LEU A 311 -22.11 -17.18 32.67
CA LEU A 311 -22.51 -18.46 33.24
C LEU A 311 -23.95 -18.38 33.73
N LEU A 312 -24.64 -19.51 33.65
CA LEU A 312 -26.00 -19.65 34.14
C LEU A 312 -26.00 -20.52 35.39
N ASP A 313 -26.69 -20.07 36.43
CA ASP A 313 -26.75 -20.81 37.68
C ASP A 313 -27.50 -22.13 37.49
N VAL A 314 -26.94 -23.20 38.04
CA VAL A 314 -27.58 -24.50 38.10
C VAL A 314 -27.80 -24.83 39.57
N ASN A 315 -28.92 -25.50 39.87
CA ASN A 315 -29.21 -25.94 41.23
C ASN A 315 -28.38 -27.18 41.51
N ASP A 316 -27.09 -26.96 41.80
CA ASP A 316 -26.17 -28.05 42.07
C ASP A 316 -25.77 -28.13 43.54
N ASN A 317 -26.45 -27.39 44.41
CA ASN A 317 -26.20 -27.46 45.85
C ASN A 317 -27.52 -27.62 46.57
N ALA A 318 -27.64 -28.69 47.35
CA ALA A 318 -28.74 -28.81 48.28
C ALA A 318 -28.45 -27.98 49.53
N PRO A 319 -29.47 -27.58 50.28
CA PRO A 319 -29.22 -26.74 51.46
C PRO A 319 -28.29 -27.44 52.45
N HIS A 320 -27.53 -26.64 53.17
CA HIS A 320 -26.60 -27.13 54.17
C HIS A 320 -27.14 -26.76 55.55
N ILE A 321 -27.29 -27.78 56.41
CA ILE A 321 -27.85 -27.58 57.74
C ILE A 321 -26.72 -27.62 58.75
N THR A 322 -26.58 -26.55 59.52
CA THR A 322 -25.62 -26.47 60.60
C THR A 322 -26.39 -26.36 61.91
N VAL A 323 -26.22 -27.35 62.79
CA VAL A 323 -26.84 -27.34 64.11
C VAL A 323 -25.82 -26.71 65.05
N THR A 324 -26.00 -25.42 65.34
CA THR A 324 -24.98 -24.67 66.09
C THR A 324 -24.82 -25.24 67.49
N SER A 325 -25.91 -25.34 68.24
CA SER A 325 -25.86 -25.89 69.59
C SER A 325 -27.06 -26.80 69.82
N GLU A 326 -26.88 -27.75 70.74
CA GLU A 326 -27.85 -28.83 70.96
C GLU A 326 -27.85 -29.18 72.44
N LEU A 327 -29.04 -29.14 73.05
CA LEU A 327 -29.13 -29.43 74.48
C LEU A 327 -28.88 -30.90 74.78
N GLY A 328 -29.30 -31.79 73.87
CA GLY A 328 -29.07 -33.20 74.06
C GLY A 328 -29.99 -33.85 75.07
N THR A 329 -30.02 -33.30 76.28
CA THR A 329 -30.86 -33.82 77.35
C THR A 329 -31.72 -32.69 77.93
N LEU A 330 -33.00 -32.99 78.19
CA LEU A 330 -33.94 -31.98 78.66
C LEU A 330 -34.87 -32.50 79.77
N PRO A 331 -35.08 -31.73 80.84
CA PRO A 331 -36.00 -32.16 81.89
C PRO A 331 -37.47 -31.98 81.49
N GLU A 332 -38.28 -32.98 81.85
CA GLU A 332 -39.71 -32.98 81.53
C GLU A 332 -40.47 -31.86 82.24
N SER A 333 -39.88 -31.25 83.27
CA SER A 333 -40.57 -30.16 83.96
C SER A 333 -40.39 -28.82 83.26
N ALA A 334 -39.55 -28.75 82.23
CA ALA A 334 -39.27 -27.48 81.56
C ALA A 334 -40.53 -26.93 80.90
N GLU A 335 -40.72 -25.61 81.03
CA GLU A 335 -41.89 -24.97 80.46
C GLU A 335 -41.81 -24.94 78.93
N PRO A 336 -42.96 -24.89 78.26
CA PRO A 336 -42.96 -24.77 76.80
C PRO A 336 -42.29 -23.48 76.33
N GLY A 337 -41.65 -23.57 75.17
CA GLY A 337 -40.84 -22.49 74.64
C GLY A 337 -39.35 -22.64 74.86
N THR A 338 -38.93 -23.71 75.54
CA THR A 338 -37.52 -23.93 75.82
C THR A 338 -36.77 -24.29 74.53
N VAL A 339 -35.71 -23.55 74.23
CA VAL A 339 -34.94 -23.76 73.02
C VAL A 339 -34.08 -25.01 73.19
N VAL A 340 -34.24 -25.97 72.27
CA VAL A 340 -33.51 -27.23 72.32
C VAL A 340 -32.28 -27.21 71.42
N ALA A 341 -32.36 -26.55 70.27
CA ALA A 341 -31.24 -26.52 69.35
C ALA A 341 -31.24 -25.21 68.56
N LEU A 342 -30.06 -24.81 68.13
CA LEU A 342 -29.87 -23.67 67.25
C LEU A 342 -29.49 -24.17 65.86
N ILE A 343 -30.20 -23.71 64.84
CA ILE A 343 -30.05 -24.21 63.48
C ILE A 343 -29.85 -23.04 62.54
N SER A 344 -28.81 -23.11 61.72
CA SER A 344 -28.59 -22.16 60.63
C SER A 344 -28.52 -22.96 59.34
N VAL A 345 -29.09 -22.40 58.27
CA VAL A 345 -29.09 -23.04 56.97
C VAL A 345 -28.46 -22.10 55.95
N GLN A 346 -27.84 -22.68 54.93
CA GLN A 346 -27.26 -21.92 53.84
C GLN A 346 -27.34 -22.74 52.56
N ASP A 347 -27.60 -22.07 51.46
CA ASP A 347 -27.60 -22.67 50.13
C ASP A 347 -26.89 -21.73 49.19
N PRO A 348 -25.78 -22.14 48.59
CA PRO A 348 -24.96 -21.19 47.81
C PRO A 348 -25.58 -20.78 46.48
N ASP A 349 -26.61 -21.46 46.00
CA ASP A 349 -27.19 -21.10 44.73
C ASP A 349 -27.95 -19.77 44.83
N SER A 350 -28.33 -19.23 43.68
CA SER A 350 -28.94 -17.92 43.58
C SER A 350 -30.42 -18.05 43.19
N GLY A 351 -31.17 -16.99 43.45
CA GLY A 351 -32.59 -16.96 43.17
C GLY A 351 -33.32 -18.05 43.93
N SER A 352 -34.38 -18.57 43.30
CA SER A 352 -35.16 -19.64 43.92
C SER A 352 -34.32 -20.87 44.21
N ASN A 353 -33.22 -21.09 43.47
CA ASN A 353 -32.34 -22.22 43.75
C ASN A 353 -31.66 -22.11 45.12
N GLY A 354 -31.66 -20.94 45.74
CA GLY A 354 -30.98 -20.78 47.02
C GLY A 354 -31.85 -20.34 48.18
N ASP A 355 -33.16 -20.36 48.02
CA ASP A 355 -34.08 -19.96 49.09
C ASP A 355 -34.50 -21.20 49.88
N VAL A 356 -34.20 -21.20 51.18
CA VAL A 356 -34.35 -22.39 52.01
C VAL A 356 -35.60 -22.25 52.87
N SER A 357 -36.39 -23.32 52.94
CA SER A 357 -37.48 -23.44 53.90
C SER A 357 -37.21 -24.65 54.79
N LEU A 358 -37.70 -24.58 56.03
CA LEU A 358 -37.42 -25.59 57.03
C LEU A 358 -38.73 -26.08 57.64
N ARG A 359 -38.78 -27.36 57.99
CA ARG A 359 -40.00 -27.94 58.54
C ARG A 359 -39.67 -29.15 59.40
N ILE A 360 -40.61 -29.47 60.29
CA ILE A 360 -40.57 -30.68 61.11
C ILE A 360 -41.97 -31.29 61.13
N PRO A 361 -42.08 -32.58 61.49
CA PRO A 361 -43.41 -33.21 61.50
C PRO A 361 -44.35 -32.53 62.49
N ASP A 362 -45.64 -32.52 62.12
CA ASP A 362 -46.63 -31.75 62.86
C ASP A 362 -46.92 -32.35 64.23
N HIS A 363 -46.98 -33.68 64.32
CA HIS A 363 -47.46 -34.35 65.53
C HIS A 363 -46.52 -34.20 66.71
N LEU A 364 -45.35 -33.61 66.52
CA LEU A 364 -44.38 -33.53 67.60
C LEU A 364 -44.68 -32.35 68.52
N PRO A 365 -44.32 -32.45 69.80
CA PRO A 365 -44.49 -31.32 70.71
C PRO A 365 -43.35 -30.30 70.62
N PHE A 366 -42.96 -29.96 69.38
CA PHE A 366 -41.90 -29.00 69.15
C PHE A 366 -42.31 -28.04 68.05
N ALA A 367 -41.58 -26.93 67.96
CA ALA A 367 -41.86 -25.90 66.97
C ALA A 367 -40.56 -25.21 66.58
N LEU A 368 -40.57 -24.62 65.38
CA LEU A 368 -39.43 -23.89 64.83
C LEU A 368 -39.69 -22.40 64.90
N LYS A 369 -38.76 -21.66 65.48
CA LYS A 369 -38.85 -20.21 65.58
C LYS A 369 -37.67 -19.58 64.84
N SER A 370 -37.93 -18.45 64.19
CA SER A 370 -36.90 -17.74 63.44
C SER A 370 -36.98 -16.25 63.73
N ALA A 371 -35.89 -15.68 64.22
CA ALA A 371 -35.78 -14.24 64.45
C ALA A 371 -34.84 -13.55 63.48
N PHE A 372 -33.98 -14.31 62.80
CA PHE A 372 -33.03 -13.73 61.86
C PHE A 372 -33.04 -14.59 60.60
N ARG A 373 -32.56 -14.00 59.51
CA ARG A 373 -32.56 -14.67 58.20
C ARG A 373 -31.76 -15.96 58.25
N ASN A 374 -32.41 -17.06 57.85
CA ASN A 374 -31.79 -18.40 57.76
C ASN A 374 -31.33 -18.95 59.11
N GLN A 375 -31.85 -18.43 60.22
CA GLN A 375 -31.54 -18.96 61.54
C GLN A 375 -32.83 -19.44 62.19
N PHE A 376 -32.83 -20.67 62.66
CA PHE A 376 -33.99 -21.27 63.31
C PHE A 376 -33.57 -21.83 64.65
N SER A 377 -34.45 -21.68 65.63
CA SER A 377 -34.29 -22.33 66.93
C SER A 377 -35.41 -23.34 67.12
N LEU A 378 -35.06 -24.51 67.62
CA LEU A 378 -36.01 -25.58 67.89
C LEU A 378 -36.46 -25.48 69.34
N VAL A 379 -37.76 -25.28 69.55
CA VAL A 379 -38.29 -25.04 70.88
C VAL A 379 -39.39 -26.05 71.21
N THR A 380 -39.62 -26.22 72.50
CA THR A 380 -40.74 -27.04 72.96
C THR A 380 -42.05 -26.31 72.71
N ALA A 381 -43.03 -27.03 72.15
CA ALA A 381 -44.32 -26.45 71.81
C ALA A 381 -45.48 -27.11 72.55
N GLY A 382 -45.20 -28.08 73.40
CA GLY A 382 -46.23 -28.71 74.19
C GLY A 382 -45.64 -29.33 75.45
N PRO A 383 -46.48 -29.91 76.30
CA PRO A 383 -45.98 -30.56 77.51
C PRO A 383 -45.21 -31.82 77.17
N LEU A 384 -44.27 -32.16 78.05
CA LEU A 384 -43.44 -33.35 77.90
C LEU A 384 -43.55 -34.17 79.17
N ASP A 385 -43.63 -35.49 79.01
CA ASP A 385 -43.78 -36.41 80.12
C ASP A 385 -42.86 -37.60 79.89
N ARG A 386 -41.89 -37.79 80.78
CA ARG A 386 -40.87 -38.81 80.57
C ARG A 386 -41.48 -40.20 80.48
N GLU A 387 -42.46 -40.50 81.34
CA GLU A 387 -43.09 -41.82 81.31
C GLU A 387 -43.71 -42.12 79.95
N ALA A 388 -44.22 -41.11 79.26
CA ALA A 388 -44.78 -41.33 77.92
C ALA A 388 -43.68 -41.64 76.91
N ARG A 389 -42.75 -40.71 76.71
CA ARG A 389 -41.61 -40.92 75.82
C ARG A 389 -40.34 -40.43 76.52
N SER A 390 -39.33 -41.29 76.54
CA SER A 390 -38.06 -40.94 77.16
C SER A 390 -37.11 -40.22 76.21
N SER A 391 -37.33 -40.29 74.90
CA SER A 391 -36.47 -39.61 73.95
C SER A 391 -37.25 -39.32 72.67
N TYR A 392 -36.81 -38.27 71.97
CA TYR A 392 -37.41 -37.85 70.71
C TYR A 392 -36.35 -37.80 69.61
N ASP A 393 -36.69 -38.30 68.43
CA ASP A 393 -35.87 -38.16 67.22
C ASP A 393 -36.59 -37.18 66.28
N ILE A 394 -36.11 -35.94 66.26
CA ILE A 394 -36.80 -34.87 65.55
C ILE A 394 -36.19 -34.75 64.15
N MET A 395 -36.99 -35.04 63.13
CA MET A 395 -36.53 -35.06 61.74
C MET A 395 -36.72 -33.67 61.14
N VAL A 396 -35.62 -32.96 60.92
CA VAL A 396 -35.63 -31.64 60.30
C VAL A 396 -35.32 -31.80 58.81
N THR A 397 -36.11 -31.14 57.97
CA THR A 397 -35.95 -31.21 56.52
C THR A 397 -35.83 -29.81 55.95
N ALA A 398 -34.71 -29.53 55.29
CA ALA A 398 -34.49 -28.28 54.58
C ALA A 398 -34.72 -28.49 53.08
N SER A 399 -35.32 -27.49 52.43
CA SER A 399 -35.59 -27.58 51.00
C SER A 399 -35.33 -26.23 50.35
N ASP A 400 -34.70 -26.27 49.17
CA ASP A 400 -34.60 -25.06 48.36
C ASP A 400 -35.79 -24.99 47.41
N ALA A 401 -35.96 -23.83 46.77
CA ALA A 401 -37.12 -23.59 45.93
C ALA A 401 -36.84 -23.86 44.45
N GLY A 402 -35.87 -24.72 44.15
CA GLY A 402 -35.66 -25.12 42.77
C GLY A 402 -36.75 -26.07 42.28
N ASN A 403 -36.75 -26.28 40.97
CA ASN A 403 -37.66 -27.24 40.34
C ASN A 403 -36.85 -28.25 39.55
N PRO A 404 -36.70 -29.50 40.04
CA PRO A 404 -37.27 -29.95 41.31
C PRO A 404 -36.42 -29.51 42.51
N PRO A 405 -37.06 -29.38 43.68
CA PRO A 405 -36.32 -28.93 44.86
C PRO A 405 -35.35 -29.99 45.35
N LEU A 406 -34.29 -29.53 46.01
CA LEU A 406 -33.31 -30.40 46.64
C LEU A 406 -33.48 -30.33 48.16
N SER A 407 -33.36 -31.47 48.82
CA SER A 407 -33.64 -31.57 50.24
C SER A 407 -32.43 -32.06 51.02
N THR A 408 -32.35 -31.64 52.28
CA THR A 408 -31.34 -32.10 53.23
C THR A 408 -32.04 -32.54 54.50
N HIS A 409 -31.58 -33.66 55.07
CA HIS A 409 -32.22 -34.26 56.23
C HIS A 409 -31.24 -34.29 57.39
N ARG A 410 -31.70 -33.84 58.56
CA ARG A 410 -30.90 -33.84 59.77
C ARG A 410 -31.80 -34.14 60.96
N THR A 411 -31.35 -35.04 61.84
CA THR A 411 -32.13 -35.46 62.99
C THR A 411 -31.51 -34.93 64.28
N ILE A 412 -32.31 -34.25 65.09
CA ILE A 412 -31.92 -33.83 66.42
C ILE A 412 -32.35 -34.90 67.41
N PHE A 413 -31.40 -35.44 68.17
CA PHE A 413 -31.68 -36.47 69.15
C PHE A 413 -31.78 -35.84 70.54
N LEU A 414 -32.88 -36.11 71.23
CA LEU A 414 -33.19 -35.43 72.49
C LEU A 414 -33.63 -36.45 73.53
N ASN A 415 -32.89 -36.53 74.62
CA ASN A 415 -33.28 -37.34 75.77
C ASN A 415 -34.07 -36.50 76.77
N ILE A 416 -34.99 -37.16 77.47
CA ILE A 416 -35.83 -36.53 78.47
C ILE A 416 -35.52 -37.17 79.82
N SER A 417 -35.34 -36.33 80.84
CA SER A 417 -34.97 -36.79 82.16
C SER A 417 -36.02 -36.35 83.18
N ASP A 418 -36.07 -37.05 84.30
CA ASP A 418 -37.00 -36.72 85.37
C ASP A 418 -36.30 -35.98 86.52
N GLN B 1 -32.95 -6.55 59.07
CA GLN B 1 -31.52 -6.71 58.89
C GLN B 1 -30.78 -5.52 59.48
N ILE B 2 -29.91 -5.80 60.44
CA ILE B 2 -29.06 -4.77 61.04
C ILE B 2 -27.83 -4.64 60.17
N ARG B 3 -27.61 -3.46 59.61
CA ARG B 3 -26.52 -3.22 58.67
C ARG B 3 -25.64 -2.11 59.23
N TYR B 4 -24.34 -2.40 59.34
CA TYR B 4 -23.38 -1.41 59.79
C TYR B 4 -22.43 -1.11 58.64
N PRO B 5 -22.33 0.14 58.18
CA PRO B 5 -21.27 0.49 57.23
C PRO B 5 -19.99 0.84 57.96
N VAL B 6 -18.88 0.34 57.43
CA VAL B 6 -17.56 0.68 57.96
C VAL B 6 -16.56 0.68 56.80
N PRO B 7 -15.69 1.68 56.71
CA PRO B 7 -14.72 1.70 55.61
C PRO B 7 -13.66 0.62 55.76
N GLU B 8 -13.24 0.08 54.62
CA GLU B 8 -12.15 -0.88 54.58
C GLU B 8 -10.85 -0.24 55.08
N GLU B 9 -9.92 -1.10 55.49
CA GLU B 9 -8.60 -0.68 55.97
C GLU B 9 -8.70 0.24 57.19
N SER B 10 -9.73 0.03 58.00
CA SER B 10 -9.87 0.80 59.23
C SER B 10 -8.98 0.22 60.32
N GLN B 11 -8.46 1.10 61.16
CA GLN B 11 -7.49 0.70 62.16
C GLN B 11 -8.12 -0.21 63.23
N GLU B 12 -7.27 -0.96 63.91
CA GLU B 12 -7.71 -1.83 64.99
C GLU B 12 -8.47 -1.04 66.05
N GLY B 13 -9.61 -1.56 66.48
CA GLY B 13 -10.42 -0.89 67.48
C GLY B 13 -11.45 0.06 66.93
N THR B 14 -11.59 0.16 65.60
CA THR B 14 -12.58 1.05 65.02
C THR B 14 -13.99 0.61 65.37
N PHE B 15 -14.83 1.57 65.74
CA PHE B 15 -16.21 1.30 66.13
C PHE B 15 -17.05 0.98 64.90
N VAL B 16 -17.71 -0.17 64.91
CA VAL B 16 -18.65 -0.55 63.86
C VAL B 16 -20.09 -0.29 64.28
N GLY B 17 -20.49 -0.85 65.42
CA GLY B 17 -21.84 -0.67 65.91
C GLY B 17 -21.98 -1.34 67.27
N ASN B 18 -23.01 -0.91 68.00
CA ASN B 18 -23.33 -1.51 69.30
C ASN B 18 -24.36 -2.60 69.09
N VAL B 19 -23.86 -3.82 68.81
CA VAL B 19 -24.74 -4.95 68.55
C VAL B 19 -25.55 -5.29 69.80
N ALA B 20 -24.95 -5.11 70.98
CA ALA B 20 -25.65 -5.43 72.23
C ALA B 20 -26.93 -4.63 72.36
N GLN B 21 -26.87 -3.32 72.10
CA GLN B 21 -28.08 -2.50 72.09
C GLN B 21 -29.03 -2.95 70.99
N ASP B 22 -28.50 -3.24 69.80
CA ASP B 22 -29.35 -3.58 68.67
C ASP B 22 -29.94 -4.97 68.79
N PHE B 23 -29.30 -5.87 69.53
CA PHE B 23 -29.88 -7.17 69.84
C PHE B 23 -30.72 -7.14 71.11
N LEU B 24 -30.86 -5.97 71.74
CA LEU B 24 -31.70 -5.75 72.92
C LEU B 24 -31.19 -6.49 74.15
N LEU B 25 -29.86 -6.53 74.33
CA LEU B 25 -29.25 -7.14 75.50
C LEU B 25 -28.99 -6.12 76.60
N ASP B 26 -29.26 -6.53 77.84
CA ASP B 26 -28.99 -5.71 79.02
C ASP B 26 -27.50 -5.59 79.29
N THR B 27 -27.07 -4.41 79.77
CA THR B 27 -25.65 -4.17 80.03
C THR B 27 -25.10 -5.13 81.09
N GLU B 28 -25.75 -5.20 82.26
CA GLU B 28 -25.33 -6.17 83.27
C GLU B 28 -25.35 -7.58 82.69
N SER B 29 -26.35 -7.86 81.85
CA SER B 29 -26.41 -9.14 81.16
C SER B 29 -25.23 -9.30 80.20
N LEU B 30 -24.70 -8.20 79.67
CA LEU B 30 -23.58 -8.30 78.73
C LEU B 30 -22.37 -8.95 79.38
N SER B 31 -22.03 -8.54 80.60
CA SER B 31 -20.88 -9.11 81.28
C SER B 31 -21.07 -10.60 81.56
N ALA B 32 -22.32 -11.03 81.70
CA ALA B 32 -22.63 -12.44 81.91
C ALA B 32 -22.74 -13.22 80.60
N ARG B 33 -23.53 -12.72 79.65
CA ARG B 33 -23.81 -13.47 78.43
C ARG B 33 -22.56 -13.70 77.59
N ARG B 34 -21.52 -12.87 77.77
CA ARG B 34 -20.25 -13.06 77.08
C ARG B 34 -20.44 -13.15 75.56
N LEU B 35 -21.07 -12.11 75.02
CA LEU B 35 -21.36 -12.06 73.59
C LEU B 35 -20.07 -12.06 72.76
N GLN B 36 -19.99 -12.98 71.81
CA GLN B 36 -18.83 -13.14 70.96
C GLN B 36 -19.28 -13.43 69.53
N VAL B 37 -18.44 -13.06 68.58
CA VAL B 37 -18.72 -13.33 67.17
C VAL B 37 -18.41 -14.79 66.87
N ALA B 38 -19.28 -15.42 66.09
CA ALA B 38 -19.09 -16.80 65.66
C ALA B 38 -18.42 -16.85 64.30
N GLY B 39 -17.69 -17.93 64.05
CA GLY B 39 -16.98 -18.10 62.81
C GLY B 39 -15.50 -17.78 62.93
N GLU B 40 -14.65 -18.73 62.57
CA GLU B 40 -13.21 -18.57 62.77
C GLU B 40 -12.66 -17.39 61.97
N VAL B 41 -13.08 -17.25 60.71
CA VAL B 41 -12.55 -16.18 59.85
C VAL B 41 -12.94 -14.81 60.38
N ASN B 42 -14.23 -14.63 60.69
CA ASN B 42 -14.73 -13.32 61.11
C ASN B 42 -14.16 -12.88 62.45
N GLN B 43 -13.67 -13.82 63.28
CA GLN B 43 -13.04 -13.42 64.53
C GLN B 43 -11.68 -12.77 64.31
N ARG B 44 -11.07 -12.96 63.13
CA ARG B 44 -9.81 -12.28 62.84
C ARG B 44 -10.04 -10.80 62.57
N HIS B 45 -11.24 -10.43 62.09
CA HIS B 45 -11.52 -9.07 61.66
C HIS B 45 -12.50 -8.32 62.55
N PHE B 46 -13.31 -9.02 63.34
CA PHE B 46 -14.27 -8.38 64.22
C PHE B 46 -14.06 -8.85 65.64
N ARG B 47 -14.42 -8.00 66.59
CA ARG B 47 -14.36 -8.33 68.00
C ARG B 47 -15.52 -7.64 68.71
N VAL B 48 -15.98 -8.23 69.80
CA VAL B 48 -17.05 -7.69 70.61
C VAL B 48 -16.47 -7.27 71.96
N ASP B 49 -16.68 -6.01 72.33
CA ASP B 49 -16.24 -5.52 73.64
C ASP B 49 -17.19 -5.99 74.72
N LEU B 50 -16.64 -6.57 75.79
CA LEU B 50 -17.48 -7.11 76.85
C LEU B 50 -18.11 -6.02 77.70
N ASP B 51 -17.43 -4.86 77.82
CA ASP B 51 -17.92 -3.80 78.70
C ASP B 51 -19.03 -2.99 78.06
N SER B 52 -18.87 -2.60 76.80
CA SER B 52 -19.84 -1.74 76.13
C SER B 52 -20.78 -2.49 75.20
N GLY B 53 -20.41 -3.69 74.76
CA GLY B 53 -21.22 -4.39 73.77
C GLY B 53 -21.03 -3.90 72.36
N ALA B 54 -19.91 -3.24 72.08
CA ALA B 54 -19.67 -2.66 70.76
C ALA B 54 -18.95 -3.66 69.87
N LEU B 55 -19.37 -3.68 68.60
CA LEU B 55 -18.68 -4.46 67.58
C LEU B 55 -17.49 -3.65 67.07
N LEU B 56 -16.29 -4.19 67.19
CA LEU B 56 -15.07 -3.47 66.86
C LEU B 56 -14.26 -4.24 65.82
N ILE B 57 -13.43 -3.50 65.10
CA ILE B 57 -12.48 -4.10 64.17
C ILE B 57 -11.35 -4.73 64.96
N LYS B 58 -11.06 -6.00 64.67
CA LYS B 58 -9.88 -6.66 65.24
C LYS B 58 -8.69 -6.44 64.33
N ASN B 59 -8.71 -7.06 63.15
CA ASN B 59 -7.68 -6.80 62.17
C ASN B 59 -8.26 -6.08 60.96
N PRO B 60 -7.53 -5.14 60.37
CA PRO B 60 -8.07 -4.35 59.25
C PRO B 60 -8.57 -5.25 58.13
N ILE B 61 -9.63 -4.80 57.47
CA ILE B 61 -10.33 -5.59 56.45
C ILE B 61 -9.98 -5.04 55.08
N ASP B 62 -9.61 -5.93 54.17
CA ASP B 62 -9.34 -5.59 52.77
C ASP B 62 -10.60 -5.91 51.96
N ARG B 63 -11.25 -4.87 51.44
CA ARG B 63 -12.43 -5.09 50.60
C ARG B 63 -12.07 -5.80 49.30
N GLU B 64 -10.90 -5.47 48.73
CA GLU B 64 -10.53 -6.04 47.45
C GLU B 64 -10.33 -7.55 47.55
N ALA B 65 -9.65 -8.02 48.59
CA ALA B 65 -9.43 -9.45 48.76
C ALA B 65 -10.73 -10.20 49.04
N LEU B 66 -11.76 -9.50 49.50
CA LEU B 66 -13.01 -10.13 49.92
C LEU B 66 -14.02 -10.18 48.78
N CYS B 67 -14.26 -9.05 48.11
CA CYS B 67 -15.32 -8.96 47.11
C CYS B 67 -14.83 -8.70 45.69
N GLY B 68 -13.57 -8.32 45.50
CA GLY B 68 -13.08 -8.06 44.16
C GLY B 68 -13.73 -6.86 43.51
N LEU B 69 -14.38 -7.06 42.37
CA LEU B 69 -14.96 -5.96 41.60
C LEU B 69 -16.47 -5.81 41.81
N SER B 70 -17.03 -6.47 42.82
CA SER B 70 -18.46 -6.33 43.10
C SER B 70 -18.77 -4.93 43.59
N ALA B 71 -19.98 -4.46 43.29
CA ALA B 71 -20.35 -3.10 43.67
C ALA B 71 -20.55 -2.97 45.17
N SER B 72 -21.18 -3.96 45.81
CA SER B 72 -21.43 -3.95 47.25
C SER B 72 -20.70 -5.10 47.90
N CYS B 73 -20.12 -4.84 49.07
CA CYS B 73 -19.42 -5.85 49.86
C CYS B 73 -20.10 -5.92 51.22
N ILE B 74 -20.81 -7.02 51.46
CA ILE B 74 -21.60 -7.21 52.68
C ILE B 74 -21.15 -8.50 53.34
N VAL B 75 -20.83 -8.43 54.62
CA VAL B 75 -20.27 -9.56 55.38
C VAL B 75 -21.31 -9.96 56.42
N PRO B 76 -21.96 -11.12 56.27
CA PRO B 76 -22.90 -11.57 57.29
C PRO B 76 -22.18 -12.06 58.54
N LEU B 77 -22.55 -11.50 59.69
CA LEU B 77 -21.95 -11.87 60.97
C LEU B 77 -22.97 -12.59 61.84
N GLU B 78 -22.51 -13.64 62.52
CA GLU B 78 -23.30 -14.37 63.50
C GLU B 78 -22.66 -14.24 64.87
N PHE B 79 -23.48 -14.15 65.91
CA PHE B 79 -23.01 -13.92 67.28
C PHE B 79 -23.55 -14.99 68.21
N VAL B 80 -22.83 -15.20 69.32
CA VAL B 80 -23.18 -16.18 70.32
C VAL B 80 -23.10 -15.56 71.72
N THR B 81 -24.10 -15.86 72.56
CA THR B 81 -24.17 -15.49 73.96
C THR B 81 -24.29 -16.76 74.79
N GLU B 82 -24.11 -16.65 76.11
CA GLU B 82 -24.34 -17.79 76.98
C GLU B 82 -25.27 -17.40 78.13
N GLY B 83 -26.14 -18.33 78.51
CA GLY B 83 -27.04 -18.17 79.63
C GLY B 83 -28.27 -17.32 79.39
N PRO B 84 -29.20 -17.79 78.53
CA PRO B 84 -29.08 -19.02 77.74
C PRO B 84 -28.29 -18.78 76.46
N LEU B 85 -27.81 -19.86 75.85
CA LEU B 85 -27.03 -19.78 74.62
C LEU B 85 -27.94 -19.36 73.47
N GLU B 86 -27.61 -18.25 72.81
CA GLU B 86 -28.44 -17.71 71.74
C GLU B 86 -27.57 -17.24 70.60
N MET B 87 -28.17 -17.14 69.41
CA MET B 87 -27.47 -16.70 68.21
C MET B 87 -28.19 -15.52 67.58
N TYR B 88 -27.42 -14.55 67.11
CA TYR B 88 -27.94 -13.34 66.49
C TYR B 88 -27.21 -13.11 65.17
N ARG B 89 -27.80 -12.25 64.32
CA ARG B 89 -27.30 -12.00 62.98
C ARG B 89 -27.25 -10.50 62.70
N ALA B 90 -26.19 -10.08 62.01
CA ALA B 90 -26.06 -8.71 61.54
C ALA B 90 -25.17 -8.69 60.30
N GLU B 91 -25.30 -7.63 59.52
CA GLU B 91 -24.56 -7.46 58.28
C GLU B 91 -23.63 -6.27 58.40
N VAL B 92 -22.38 -6.45 58.00
CA VAL B 92 -21.40 -5.37 57.96
C VAL B 92 -21.13 -5.04 56.50
N GLU B 93 -21.37 -3.80 56.12
CA GLU B 93 -21.07 -3.34 54.76
C GLU B 93 -19.68 -2.71 54.74
N ILE B 94 -18.79 -3.29 53.93
CA ILE B 94 -17.44 -2.79 53.76
C ILE B 94 -17.46 -1.76 52.63
N VAL B 95 -17.16 -0.50 52.97
CA VAL B 95 -17.22 0.60 52.02
C VAL B 95 -15.84 0.78 51.39
N ASP B 96 -15.80 0.82 50.05
CA ASP B 96 -14.54 0.91 49.34
C ASP B 96 -13.88 2.28 49.54
N VAL B 97 -12.57 2.26 49.74
CA VAL B 97 -11.75 3.46 49.70
C VAL B 97 -10.82 3.39 48.49
N ASN B 98 -10.20 4.52 48.17
CA ASN B 98 -9.40 4.66 46.97
C ASN B 98 -7.92 4.31 47.24
N ASP B 99 -7.68 3.08 47.67
CA ASP B 99 -6.33 2.63 47.95
C ASP B 99 -5.66 1.93 46.76
N HIS B 100 -6.17 2.15 45.55
CA HIS B 100 -5.50 1.70 44.34
C HIS B 100 -5.41 2.86 43.35
N ALA B 101 -4.22 3.15 42.91
CA ALA B 101 -4.01 4.03 41.79
C ALA B 101 -4.05 3.24 40.49
N PRO B 102 -4.53 3.84 39.40
CA PRO B 102 -4.44 3.16 38.10
C PRO B 102 -2.98 2.83 37.77
N ARG B 103 -2.76 1.64 37.23
CA ARG B 103 -1.40 1.20 36.90
C ARG B 103 -1.45 0.27 35.71
N PHE B 104 -0.68 0.60 34.69
CA PHE B 104 -0.54 -0.26 33.52
C PHE B 104 0.38 -1.44 33.86
N PRO B 105 -0.01 -2.68 33.49
CA PRO B 105 0.87 -3.83 33.81
C PRO B 105 2.23 -3.74 33.13
N ARG B 106 2.31 -3.08 31.99
CA ARG B 106 3.58 -2.74 31.35
C ARG B 106 3.59 -1.24 31.14
N GLN B 107 4.67 -0.59 31.59
CA GLN B 107 4.81 0.85 31.41
C GLN B 107 5.49 1.23 30.10
N GLN B 108 5.97 0.26 29.34
CA GLN B 108 6.54 0.49 28.01
C GLN B 108 5.70 -0.26 27.00
N LEU B 109 4.98 0.48 26.17
CA LEU B 109 4.15 -0.09 25.12
C LEU B 109 4.76 0.28 23.77
N ASP B 110 4.91 -0.70 22.90
CA ASP B 110 5.50 -0.50 21.59
C ASP B 110 4.51 -0.95 20.52
N LEU B 111 4.22 -0.06 19.57
CA LEU B 111 3.35 -0.35 18.44
C LEU B 111 4.12 -0.16 17.15
N GLU B 112 3.96 -1.09 16.22
CA GLU B 112 4.52 -0.99 14.89
C GLU B 112 3.37 -0.81 13.91
N ILE B 113 3.28 0.38 13.32
CA ILE B 113 2.19 0.74 12.43
C ILE B 113 2.74 0.94 11.03
N GLY B 114 2.05 0.38 10.03
CA GLY B 114 2.45 0.53 8.65
C GLY B 114 2.29 1.96 8.15
N GLU B 115 3.27 2.40 7.37
CA GLU B 115 3.28 3.75 6.83
C GLU B 115 2.00 4.06 6.04
N ALA B 116 1.41 3.06 5.39
CA ALA B 116 0.20 3.24 4.60
C ALA B 116 -1.06 2.86 5.36
N ALA B 117 -1.02 2.92 6.68
CA ALA B 117 -2.22 2.65 7.46
C ALA B 117 -3.25 3.74 7.20
N PRO B 118 -4.51 3.40 6.93
CA PRO B 118 -5.51 4.42 6.63
C PRO B 118 -5.89 5.20 7.87
N PRO B 119 -6.05 6.52 7.75
CA PRO B 119 -6.61 7.28 8.87
C PRO B 119 -8.00 6.75 9.22
N GLY B 120 -8.30 6.72 10.51
CA GLY B 120 -9.51 6.11 10.99
C GLY B 120 -9.33 4.70 11.53
N GLN B 121 -8.17 4.08 11.30
CA GLN B 121 -7.92 2.77 11.85
C GLN B 121 -7.65 2.88 13.34
N ARG B 122 -8.20 1.93 14.11
CA ARG B 122 -7.98 1.87 15.54
C ARG B 122 -6.96 0.78 15.86
N PHE B 123 -6.10 1.06 16.84
CA PHE B 123 -5.10 0.12 17.31
C PHE B 123 -5.32 -0.15 18.79
N PRO B 124 -5.40 -1.41 19.22
CA PRO B 124 -5.65 -1.67 20.64
C PRO B 124 -4.49 -1.25 21.52
N LEU B 125 -4.84 -0.85 22.73
CA LEU B 125 -3.88 -0.57 23.79
C LEU B 125 -4.29 -1.38 25.01
N GLU B 126 -3.31 -1.86 25.76
CA GLU B 126 -3.64 -2.59 26.98
C GLU B 126 -4.07 -1.59 28.04
N LYS B 127 -5.17 -1.88 28.73
CA LYS B 127 -5.77 -0.93 29.65
C LYS B 127 -5.14 -1.05 31.03
N ALA B 128 -5.15 0.06 31.76
CA ALA B 128 -4.66 0.07 33.12
C ALA B 128 -5.63 -0.66 34.04
N GLN B 129 -5.13 -1.06 35.20
CA GLN B 129 -5.89 -1.80 36.19
C GLN B 129 -6.07 -0.95 37.44
N ASP B 130 -7.29 -0.93 37.97
CA ASP B 130 -7.61 -0.24 39.21
C ASP B 130 -8.57 -1.13 39.98
N ALA B 131 -8.06 -1.77 41.05
CA ALA B 131 -8.83 -2.77 41.77
C ALA B 131 -10.01 -2.18 42.54
N ASP B 132 -10.11 -0.86 42.65
CA ASP B 132 -11.24 -0.26 43.33
C ASP B 132 -12.49 -0.33 42.46
N VAL B 133 -13.62 0.09 43.04
CA VAL B 133 -14.91 0.05 42.36
C VAL B 133 -15.58 1.40 42.51
N GLY B 134 -16.71 1.56 41.82
CA GLY B 134 -17.46 2.80 41.88
C GLY B 134 -16.68 3.96 41.27
N SER B 135 -16.82 5.13 41.88
CA SER B 135 -16.10 6.31 41.40
C SER B 135 -14.60 6.19 41.63
N ASN B 136 -14.16 5.26 42.49
CA ASN B 136 -12.73 5.11 42.73
C ASN B 136 -12.03 4.32 41.62
N SER B 137 -12.79 3.76 40.67
CA SER B 137 -12.22 3.04 39.55
C SER B 137 -11.80 4.03 38.45
N ILE B 138 -11.20 3.49 37.39
CA ILE B 138 -10.70 4.32 36.30
C ILE B 138 -11.84 5.12 35.68
N SER B 139 -11.63 6.42 35.51
CA SER B 139 -12.67 7.30 35.01
C SER B 139 -12.40 7.87 33.62
N SER B 140 -11.13 8.03 33.23
CA SER B 140 -10.83 8.55 31.90
C SER B 140 -9.39 8.25 31.54
N TYR B 141 -9.12 8.25 30.23
CA TYR B 141 -7.78 8.11 29.68
C TYR B 141 -7.37 9.40 28.98
N ARG B 142 -6.07 9.70 29.00
CA ARG B 142 -5.54 10.87 28.33
C ARG B 142 -4.32 10.50 27.51
N LEU B 143 -4.20 11.13 26.34
CA LEU B 143 -3.07 10.95 25.45
C LEU B 143 -2.39 12.30 25.25
N SER B 144 -1.06 12.33 25.39
CA SER B 144 -0.32 13.57 25.25
C SER B 144 -0.51 14.19 23.87
N SER B 145 -0.28 15.51 23.80
CA SER B 145 -0.48 16.25 22.57
C SER B 145 0.41 15.71 21.45
N ASN B 146 -0.20 15.47 20.30
CA ASN B 146 0.53 15.09 19.09
C ASN B 146 -0.36 15.45 17.90
N GLU B 147 0.13 15.14 16.70
CA GLU B 147 -0.53 15.60 15.49
C GLU B 147 -1.17 14.50 14.65
N HIS B 148 -0.80 13.23 14.87
CA HIS B 148 -1.34 12.13 14.09
C HIS B 148 -2.28 11.22 14.85
N PHE B 149 -2.15 11.13 16.17
CA PHE B 149 -2.89 10.15 16.96
C PHE B 149 -3.83 10.83 17.95
N ALA B 150 -4.98 10.21 18.16
CA ALA B 150 -5.93 10.60 19.18
C ALA B 150 -6.42 9.34 19.89
N LEU B 151 -7.17 9.55 20.96
CA LEU B 151 -7.71 8.44 21.74
C LEU B 151 -9.17 8.21 21.40
N ASP B 152 -9.54 6.94 21.26
CA ASP B 152 -10.93 6.52 21.09
C ASP B 152 -11.23 5.50 22.18
N VAL B 153 -11.88 5.95 23.26
CA VAL B 153 -12.14 5.11 24.43
C VAL B 153 -13.53 4.53 24.30
N LYS B 154 -13.61 3.20 24.37
CA LYS B 154 -14.84 2.44 24.25
C LYS B 154 -15.23 1.87 25.60
N LYS B 155 -16.54 1.72 25.81
CA LYS B 155 -17.09 1.16 27.04
C LYS B 155 -17.52 -0.27 26.74
N ARG B 156 -16.93 -1.23 27.44
CA ARG B 156 -17.22 -2.63 27.20
C ARG B 156 -18.41 -3.07 28.05
N SER B 157 -18.72 -4.36 28.01
CA SER B 157 -20.03 -4.85 28.44
C SER B 157 -20.37 -4.53 29.89
N ASP B 158 -19.38 -4.47 30.77
CA ASP B 158 -19.67 -4.15 32.17
C ASP B 158 -19.56 -2.67 32.50
N GLY B 159 -19.08 -1.84 31.57
CA GLY B 159 -18.90 -0.42 31.82
C GLY B 159 -17.48 0.01 32.09
N SER B 160 -16.51 -0.88 31.95
CA SER B 160 -15.10 -0.50 32.06
C SER B 160 -14.65 0.13 30.75
N LEU B 161 -13.67 1.02 30.84
CA LEU B 161 -13.18 1.73 29.66
C LEU B 161 -12.11 0.92 28.96
N VAL B 162 -12.19 0.88 27.63
CA VAL B 162 -11.21 0.20 26.78
C VAL B 162 -10.56 1.23 25.88
N PRO B 163 -9.31 1.61 26.12
CA PRO B 163 -8.68 2.66 25.31
C PRO B 163 -8.09 2.09 24.03
N GLU B 164 -8.27 2.83 22.94
CA GLU B 164 -7.74 2.46 21.63
C GLU B 164 -7.08 3.68 21.00
N LEU B 165 -5.98 3.43 20.28
CA LEU B 165 -5.27 4.49 19.58
C LEU B 165 -5.87 4.67 18.19
N LEU B 166 -6.23 5.91 17.86
CA LEU B 166 -6.90 6.24 16.61
C LEU B 166 -5.98 7.10 15.75
N LEU B 167 -5.71 6.64 14.53
CA LEU B 167 -4.90 7.40 13.58
C LEU B 167 -5.75 8.48 12.92
N GLU B 168 -5.36 9.74 13.11
CA GLU B 168 -6.09 10.88 12.57
C GLU B 168 -5.53 11.41 11.26
N LYS B 169 -4.21 11.44 11.11
CA LYS B 169 -3.58 11.92 9.89
C LYS B 169 -2.69 10.85 9.30
N PRO B 170 -2.57 10.78 7.97
CA PRO B 170 -1.74 9.75 7.36
C PRO B 170 -0.28 9.86 7.81
N LEU B 171 0.36 8.71 7.89
CA LEU B 171 1.75 8.66 8.29
C LEU B 171 2.65 8.75 7.06
N ASP B 172 3.92 9.07 7.29
CA ASP B 172 4.92 9.10 6.23
C ASP B 172 6.26 8.84 6.89
N ARG B 173 6.73 7.60 6.79
CA ARG B 173 7.99 7.22 7.44
C ARG B 173 9.16 8.05 6.90
N GLU B 174 9.08 8.47 5.64
CA GLU B 174 10.16 9.28 5.06
C GLU B 174 10.25 10.66 5.71
N LYS B 175 9.19 11.10 6.40
CA LYS B 175 9.22 12.36 7.15
C LYS B 175 9.40 12.16 8.65
N GLN B 176 8.76 11.15 9.23
CA GLN B 176 8.91 10.85 10.66
C GLN B 176 8.62 9.39 10.89
N SER B 177 9.60 8.66 11.42
CA SER B 177 9.48 7.22 11.61
C SER B 177 9.13 6.81 13.04
N ASP B 178 9.37 7.66 14.04
CA ASP B 178 9.17 7.28 15.43
C ASP B 178 8.34 8.34 16.17
N TYR B 179 7.44 7.87 17.02
CA TYR B 179 6.63 8.72 17.89
C TYR B 179 6.75 8.25 19.33
N ARG B 180 7.00 9.20 20.24
CA ARG B 180 7.04 8.95 21.67
C ARG B 180 5.82 9.61 22.30
N LEU B 181 4.92 8.81 22.87
CA LEU B 181 3.69 9.29 23.47
C LEU B 181 3.59 8.83 24.92
N VAL B 182 2.84 9.61 25.71
CA VAL B 182 2.50 9.26 27.08
C VAL B 182 1.00 8.99 27.17
N LEU B 183 0.64 7.85 27.76
CA LEU B 183 -0.73 7.46 27.98
C LEU B 183 -1.04 7.51 29.48
N THR B 184 -2.14 8.17 29.85
CA THR B 184 -2.48 8.37 31.25
C THR B 184 -3.87 7.83 31.55
N ALA B 185 -4.00 7.15 32.69
CA ALA B 185 -5.28 6.68 33.20
C ALA B 185 -5.49 7.25 34.59
N VAL B 186 -6.66 7.85 34.81
CA VAL B 186 -6.98 8.55 36.05
C VAL B 186 -8.32 8.04 36.57
N ASP B 187 -8.40 7.82 37.88
CA ASP B 187 -9.65 7.39 38.49
C ASP B 187 -10.48 8.61 38.89
N GLY B 188 -11.68 8.36 39.42
CA GLY B 188 -12.55 9.44 39.84
C GLY B 188 -12.56 9.61 41.34
N GLY B 189 -11.44 9.30 41.98
CA GLY B 189 -11.34 9.46 43.42
C GLY B 189 -11.21 10.91 43.81
N ASN B 190 -11.21 11.14 45.12
CA ASN B 190 -11.13 12.50 45.67
C ASN B 190 -9.96 12.54 46.66
N PRO B 191 -8.77 12.99 46.22
CA PRO B 191 -8.44 13.46 44.88
C PRO B 191 -8.22 12.31 43.89
N PRO B 192 -8.29 12.61 42.59
CA PRO B 192 -8.03 11.57 41.58
C PRO B 192 -6.60 11.07 41.65
N ARG B 193 -6.44 9.76 41.48
CA ARG B 193 -5.14 9.11 41.35
C ARG B 193 -4.97 8.62 39.92
N SER B 194 -3.72 8.55 39.47
CA SER B 194 -3.44 8.25 38.08
C SER B 194 -2.17 7.43 37.92
N GLY B 195 -2.00 6.87 36.73
CA GLY B 195 -0.78 6.18 36.34
C GLY B 195 -0.58 6.36 34.85
N THR B 196 0.68 6.25 34.43
CA THR B 196 1.02 6.53 33.04
C THR B 196 1.76 5.35 32.43
N ALA B 197 1.83 5.36 31.10
CA ALA B 197 2.58 4.39 30.33
C ALA B 197 3.23 5.09 29.15
N GLU B 198 4.45 4.70 28.82
CA GLU B 198 5.18 5.29 27.70
C GLU B 198 4.85 4.52 26.44
N LEU B 199 4.37 5.23 25.41
CA LEU B 199 3.92 4.61 24.17
C LEU B 199 4.87 5.02 23.06
N ARG B 200 5.61 4.04 22.53
CA ARG B 200 6.56 4.23 21.45
C ARG B 200 5.96 3.63 20.18
N VAL B 201 5.73 4.47 19.17
CA VAL B 201 5.18 4.04 17.90
C VAL B 201 6.30 4.02 16.86
N SER B 202 6.41 2.92 16.13
CA SER B 202 7.36 2.80 15.03
C SER B 202 6.59 2.72 13.73
N VAL B 203 7.09 3.40 12.70
CA VAL B 203 6.47 3.43 11.39
C VAL B 203 7.29 2.54 10.46
N LEU B 204 6.67 1.48 9.96
CA LEU B 204 7.34 0.53 9.08
C LEU B 204 7.28 1.02 7.64
N ASP B 205 8.34 0.76 6.90
CA ASP B 205 8.49 1.33 5.55
C ASP B 205 7.67 0.58 4.52
N VAL B 206 7.00 1.34 3.66
CA VAL B 206 6.39 0.83 2.44
C VAL B 206 7.17 1.38 1.26
N ASN B 207 7.26 0.59 0.19
CA ASN B 207 7.87 1.04 -1.06
C ASN B 207 6.89 1.95 -1.79
N ASP B 208 6.79 3.19 -1.32
CA ASP B 208 5.84 4.15 -1.89
C ASP B 208 6.52 5.28 -2.64
N ASN B 209 7.84 5.23 -2.85
CA ASN B 209 8.55 6.22 -3.64
C ASN B 209 9.19 5.54 -4.83
N ALA B 210 8.94 6.07 -6.02
CA ALA B 210 9.74 5.70 -7.17
C ALA B 210 11.05 6.48 -7.16
N PRO B 211 12.09 5.97 -7.82
CA PRO B 211 13.33 6.75 -7.95
C PRO B 211 13.04 8.10 -8.60
N ALA B 212 13.87 9.09 -8.26
CA ALA B 212 13.72 10.44 -8.79
C ALA B 212 15.02 10.83 -9.50
N PHE B 213 14.91 11.18 -10.77
CA PHE B 213 16.07 11.64 -11.50
C PHE B 213 16.47 13.05 -11.07
N GLN B 214 17.77 13.33 -11.23
CA GLN B 214 18.30 14.64 -10.88
C GLN B 214 17.64 15.75 -11.71
N GLN B 215 17.44 15.49 -13.00
CA GLN B 215 16.78 16.42 -13.90
C GLN B 215 15.61 15.71 -14.56
N SER B 216 14.64 16.50 -15.02
CA SER B 216 13.47 15.93 -15.67
C SER B 216 13.80 15.35 -17.04
N SER B 217 14.72 15.98 -17.77
CA SER B 217 15.17 15.47 -19.05
C SER B 217 16.59 15.92 -19.29
N TYR B 218 17.30 15.20 -20.15
CA TYR B 218 18.68 15.53 -20.47
C TYR B 218 18.85 15.69 -21.98
N ARG B 219 19.62 16.69 -22.37
CA ARG B 219 19.97 16.95 -23.77
C ARG B 219 21.48 17.07 -23.87
N ILE B 220 22.07 16.27 -24.76
CA ILE B 220 23.52 16.13 -24.85
C ILE B 220 23.97 16.38 -26.28
N SER B 221 25.12 17.03 -26.44
CA SER B 221 25.76 17.22 -27.73
C SER B 221 27.07 16.44 -27.79
N VAL B 222 27.32 15.80 -28.93
CA VAL B 222 28.51 14.98 -29.14
C VAL B 222 28.97 15.12 -30.59
N LEU B 223 30.28 15.22 -30.79
CA LEU B 223 30.83 15.26 -32.14
C LEU B 223 30.72 13.88 -32.78
N GLU B 224 30.37 13.86 -34.07
CA GLU B 224 30.18 12.60 -34.78
C GLU B 224 31.47 11.77 -34.87
N SER B 225 32.61 12.34 -34.52
CA SER B 225 33.88 11.63 -34.52
C SER B 225 34.23 11.02 -33.17
N ALA B 226 33.35 11.15 -32.17
CA ALA B 226 33.65 10.68 -30.83
C ALA B 226 33.95 9.18 -30.84
N PRO B 227 34.97 8.74 -30.12
CA PRO B 227 35.34 7.32 -30.15
C PRO B 227 34.41 6.47 -29.28
N ALA B 228 34.36 5.19 -29.62
CA ALA B 228 33.60 4.23 -28.83
C ALA B 228 34.17 4.16 -27.42
N GLY B 229 33.28 4.02 -26.43
CA GLY B 229 33.68 3.97 -25.05
C GLY B 229 33.69 5.31 -24.34
N MET B 230 33.33 6.40 -25.01
CA MET B 230 33.26 7.70 -24.38
C MET B 230 31.99 7.83 -23.54
N VAL B 231 32.14 8.39 -22.35
CA VAL B 231 31.01 8.60 -21.45
C VAL B 231 30.29 9.89 -21.84
N LEU B 232 29.02 9.77 -22.22
CA LEU B 232 28.24 10.92 -22.64
C LEU B 232 27.64 11.67 -21.46
N ILE B 233 27.19 10.94 -20.44
CA ILE B 233 26.54 11.53 -19.28
C ILE B 233 26.44 10.46 -18.21
N GLN B 234 26.35 10.89 -16.96
CA GLN B 234 26.07 10.00 -15.84
C GLN B 234 24.71 10.38 -15.25
N LEU B 235 23.74 9.48 -15.36
CA LEU B 235 22.43 9.68 -14.78
C LEU B 235 22.47 9.40 -13.28
N ASN B 236 21.83 10.27 -12.50
CA ASN B 236 21.73 10.11 -11.06
C ASN B 236 20.27 10.09 -10.66
N ALA B 237 19.91 9.12 -9.81
CA ALA B 237 18.56 9.03 -9.27
C ALA B 237 18.62 8.57 -7.82
N SER B 238 17.73 9.11 -7.00
CA SER B 238 17.65 8.77 -5.58
C SER B 238 16.28 8.18 -5.26
N ASP B 239 16.25 7.33 -4.23
CA ASP B 239 15.02 6.70 -3.74
C ASP B 239 15.06 6.63 -2.22
N PRO B 240 14.14 7.31 -1.52
CA PRO B 240 14.26 7.43 -0.06
C PRO B 240 13.82 6.21 0.74
N ASP B 241 13.23 5.21 0.10
CA ASP B 241 12.75 4.04 0.84
C ASP B 241 13.92 3.24 1.42
N LEU B 242 13.60 2.27 2.26
CA LEU B 242 14.59 1.53 3.03
C LEU B 242 14.99 0.24 2.32
N GLY B 243 16.26 -0.13 2.46
CA GLY B 243 16.77 -1.39 1.96
C GLY B 243 16.72 -1.46 0.44
N PRO B 244 16.48 -2.66 -0.09
CA PRO B 244 16.38 -2.81 -1.55
C PRO B 244 15.32 -1.91 -2.16
N SER B 245 14.28 -1.57 -1.41
CA SER B 245 13.25 -0.66 -1.91
C SER B 245 13.76 0.74 -2.19
N GLY B 246 14.98 1.06 -1.76
CA GLY B 246 15.57 2.36 -2.05
C GLY B 246 16.83 2.25 -2.88
N ASN B 247 17.06 1.07 -3.46
CA ASN B 247 18.26 0.79 -4.23
C ASN B 247 17.96 0.96 -5.72
N VAL B 248 18.65 1.90 -6.36
CA VAL B 248 18.33 2.33 -7.72
C VAL B 248 19.27 1.64 -8.70
N THR B 249 18.70 1.13 -9.79
CA THR B 249 19.46 0.61 -10.92
C THR B 249 18.88 1.17 -12.22
N PHE B 250 19.71 1.28 -13.24
CA PHE B 250 19.38 1.96 -14.48
C PHE B 250 19.33 0.99 -15.65
N SER B 251 18.46 1.29 -16.61
CA SER B 251 18.35 0.51 -17.83
C SER B 251 17.59 1.31 -18.87
N PHE B 252 17.66 0.85 -20.13
CA PHE B 252 16.80 1.39 -21.17
C PHE B 252 15.35 1.01 -20.93
N SER B 253 14.43 1.83 -21.44
CA SER B 253 13.03 1.45 -21.47
C SER B 253 12.85 0.15 -22.25
N GLY B 254 11.77 -0.56 -21.93
CA GLY B 254 11.52 -1.83 -22.59
C GLY B 254 11.29 -1.68 -24.08
N HIS B 255 10.75 -0.54 -24.51
CA HIS B 255 10.37 -0.31 -25.89
C HIS B 255 11.47 0.36 -26.72
N THR B 256 12.72 0.30 -26.27
CA THR B 256 13.80 1.02 -26.93
C THR B 256 14.24 0.27 -28.19
N PRO B 257 14.22 0.90 -29.35
CA PRO B 257 14.58 0.19 -30.58
C PRO B 257 16.06 -0.18 -30.61
N ASP B 258 16.37 -1.19 -31.43
CA ASP B 258 17.74 -1.68 -31.50
C ASP B 258 18.67 -0.63 -32.10
N ARG B 259 18.13 0.29 -32.90
CA ARG B 259 18.95 1.37 -33.46
C ARG B 259 19.56 2.22 -32.35
N VAL B 260 18.91 2.31 -31.19
CA VAL B 260 19.49 3.00 -30.05
C VAL B 260 20.48 2.10 -29.33
N ARG B 261 20.09 0.84 -29.06
CA ARG B 261 20.96 -0.08 -28.35
C ARG B 261 22.27 -0.34 -29.06
N ASN B 262 22.31 -0.16 -30.38
CA ASN B 262 23.55 -0.41 -31.11
C ASN B 262 24.60 0.64 -30.80
N LEU B 263 24.18 1.88 -30.56
CA LEU B 263 25.12 2.98 -30.37
C LEU B 263 25.37 3.34 -28.91
N PHE B 264 24.41 3.06 -28.02
CA PHE B 264 24.52 3.50 -26.63
C PHE B 264 24.29 2.33 -25.69
N SER B 265 25.00 2.38 -24.56
CA SER B 265 24.82 1.41 -23.49
C SER B 265 24.80 2.17 -22.18
N LEU B 266 24.08 1.62 -21.21
CA LEU B 266 23.82 2.30 -19.95
C LEU B 266 24.26 1.39 -18.82
N HIS B 267 25.19 1.85 -18.02
CA HIS B 267 25.72 1.03 -16.94
C HIS B 267 24.67 0.88 -15.84
N PRO B 268 24.36 -0.33 -15.41
CA PRO B 268 23.19 -0.51 -14.53
C PRO B 268 23.37 0.11 -13.15
N THR B 269 24.60 0.15 -12.63
CA THR B 269 24.86 0.69 -11.29
C THR B 269 25.19 2.18 -11.33
N THR B 270 26.14 2.58 -12.18
CA THR B 270 26.65 3.94 -12.18
C THR B 270 25.77 4.91 -12.96
N GLY B 271 24.93 4.42 -13.87
CA GLY B 271 24.18 5.31 -14.72
C GLY B 271 25.00 6.02 -15.79
N LYS B 272 26.25 5.61 -15.99
CA LYS B 272 27.07 6.20 -17.04
C LYS B 272 26.58 5.70 -18.40
N LEU B 273 26.23 6.63 -19.27
CA LEU B 273 25.85 6.32 -20.65
C LEU B 273 27.08 6.42 -21.55
N THR B 274 27.43 5.33 -22.21
CA THR B 274 28.59 5.29 -23.09
C THR B 274 28.20 5.09 -24.55
N LEU B 275 29.16 5.42 -25.42
CA LEU B 275 29.01 5.28 -26.86
C LEU B 275 29.60 3.95 -27.31
N GLN B 276 28.83 3.20 -28.10
CA GLN B 276 29.18 1.82 -28.44
C GLN B 276 29.70 1.63 -29.87
N GLY B 277 29.58 2.64 -30.73
CA GLY B 277 29.99 2.48 -32.10
C GLY B 277 30.12 3.79 -32.85
N PRO B 278 30.44 3.72 -34.13
CA PRO B 278 30.66 4.95 -34.91
C PRO B 278 29.37 5.72 -35.12
N LEU B 279 29.47 7.04 -34.97
CA LEU B 279 28.40 7.96 -35.31
C LEU B 279 28.65 8.57 -36.68
N ASP B 280 27.57 9.08 -37.28
CA ASP B 280 27.68 9.73 -38.59
C ASP B 280 26.56 10.76 -38.70
N PHE B 281 26.95 12.04 -38.58
CA PHE B 281 26.00 13.14 -38.73
C PHE B 281 25.28 13.07 -40.07
N GLU B 282 25.94 12.54 -41.09
CA GLU B 282 25.37 12.49 -42.43
C GLU B 282 24.22 11.50 -42.52
N SER B 283 24.17 10.49 -41.65
CA SER B 283 23.07 9.54 -41.66
C SER B 283 21.97 9.91 -40.66
N GLU B 284 22.35 10.35 -39.46
CA GLU B 284 21.39 10.73 -38.42
C GLU B 284 22.01 11.83 -37.57
N ASN B 285 21.26 12.91 -37.34
CA ASN B 285 21.80 14.05 -36.62
C ASN B 285 21.38 14.10 -35.15
N TYR B 286 20.39 13.30 -34.72
CA TYR B 286 20.07 13.24 -33.30
C TYR B 286 19.30 11.98 -32.97
N TYR B 287 19.31 11.63 -31.69
CA TYR B 287 18.63 10.45 -31.16
C TYR B 287 17.84 10.84 -29.92
N GLU B 288 16.60 10.37 -29.85
CA GLU B 288 15.72 10.58 -28.71
C GLU B 288 15.26 9.23 -28.18
N PHE B 289 15.45 8.99 -26.89
CA PHE B 289 15.03 7.73 -26.28
C PHE B 289 14.81 7.94 -24.79
N ASP B 290 14.14 6.97 -24.17
CA ASP B 290 13.82 7.01 -22.75
C ASP B 290 14.65 5.98 -21.99
N VAL B 291 15.08 6.37 -20.79
CA VAL B 291 15.73 5.47 -19.84
C VAL B 291 14.88 5.42 -18.58
N ARG B 292 15.14 4.40 -17.77
CA ARG B 292 14.37 4.21 -16.55
C ARG B 292 15.29 3.86 -15.38
N ALA B 293 14.88 4.27 -14.20
CA ALA B 293 15.49 3.88 -12.94
C ALA B 293 14.50 3.03 -12.16
N ARG B 294 14.94 1.86 -11.73
CA ARG B 294 14.10 0.93 -10.98
C ARG B 294 14.69 0.71 -9.60
N ASP B 295 13.82 0.62 -8.59
CA ASP B 295 14.32 0.24 -7.27
C ASP B 295 14.33 -1.28 -7.14
N GLY B 296 15.01 -1.76 -6.09
CA GLY B 296 15.13 -3.19 -5.88
C GLY B 296 14.00 -3.78 -5.08
N GLY B 297 12.89 -3.06 -4.98
CA GLY B 297 11.74 -3.61 -4.30
C GLY B 297 11.08 -4.71 -5.11
N SER B 298 10.20 -5.44 -4.45
CA SER B 298 9.46 -6.54 -5.08
C SER B 298 7.99 -6.40 -4.70
N PRO B 299 7.15 -5.86 -5.59
CA PRO B 299 7.52 -5.40 -6.93
C PRO B 299 8.20 -4.03 -6.95
N ALA B 300 8.89 -3.74 -8.05
CA ALA B 300 9.71 -2.55 -8.20
C ALA B 300 8.88 -1.34 -8.65
N MET B 301 9.29 -0.16 -8.18
CA MET B 301 8.76 1.10 -8.68
C MET B 301 9.68 1.64 -9.78
N GLU B 302 9.08 2.26 -10.80
CA GLU B 302 9.80 2.73 -11.97
C GLU B 302 9.61 4.22 -12.19
N GLN B 303 10.65 4.86 -12.72
CA GLN B 303 10.58 6.24 -13.18
C GLN B 303 11.32 6.34 -14.51
N HIS B 304 10.71 7.02 -15.48
CA HIS B 304 11.32 7.19 -16.80
C HIS B 304 11.88 8.60 -16.96
N CYS B 305 12.83 8.73 -17.87
CA CYS B 305 13.46 10.01 -18.18
C CYS B 305 13.77 10.07 -19.66
N SER B 306 13.62 11.26 -20.24
CA SER B 306 13.84 11.46 -21.67
C SER B 306 15.26 11.93 -21.92
N LEU B 307 15.94 11.25 -22.84
CA LEU B 307 17.31 11.56 -23.23
C LEU B 307 17.33 12.00 -24.68
N ARG B 308 18.10 13.05 -24.96
CA ARG B 308 18.30 13.51 -26.33
C ARG B 308 19.79 13.69 -26.57
N VAL B 309 20.29 13.05 -27.62
CA VAL B 309 21.69 13.13 -28.01
C VAL B 309 21.75 13.81 -29.38
N ASP B 310 22.35 15.00 -29.42
CA ASP B 310 22.51 15.76 -30.65
C ASP B 310 23.92 15.56 -31.19
N LEU B 311 24.02 15.26 -32.49
CA LEU B 311 25.33 15.16 -33.12
C LEU B 311 25.74 16.51 -33.69
N LEU B 312 27.05 16.75 -33.69
CA LEU B 312 27.64 17.93 -34.28
C LEU B 312 28.39 17.53 -35.55
N ASP B 313 28.14 18.24 -36.63
CA ASP B 313 28.78 17.91 -37.90
C ASP B 313 30.28 18.18 -37.82
N VAL B 314 31.05 17.24 -38.35
CA VAL B 314 32.50 17.38 -38.49
C VAL B 314 32.83 17.38 -39.97
N ASN B 315 33.84 18.18 -40.35
CA ASN B 315 34.30 18.22 -41.73
C ASN B 315 35.15 16.98 -41.98
N ASP B 316 34.46 15.86 -42.17
CA ASP B 316 35.12 14.58 -42.42
C ASP B 316 34.97 14.09 -43.86
N ASN B 317 34.52 14.97 -44.77
CA ASN B 317 34.45 14.63 -46.19
C ASN B 317 35.04 15.76 -47.01
N ALA B 318 36.02 15.41 -47.85
CA ALA B 318 36.50 16.33 -48.88
C ALA B 318 35.54 16.33 -50.07
N PRO B 319 35.54 17.40 -50.87
CA PRO B 319 34.62 17.46 -52.01
C PRO B 319 34.85 16.32 -52.99
N HIS B 320 33.78 15.93 -53.67
CA HIS B 320 33.81 14.90 -54.70
C HIS B 320 33.66 15.56 -56.08
N ILE B 321 34.59 15.26 -56.97
CA ILE B 321 34.61 15.85 -58.31
C ILE B 321 34.16 14.79 -59.31
N THR B 322 33.14 15.12 -60.10
CA THR B 322 32.67 14.27 -61.18
C THR B 322 32.90 14.96 -62.52
N VAL B 323 33.71 14.34 -63.38
CA VAL B 323 33.94 14.85 -64.71
C VAL B 323 32.93 14.16 -65.64
N THR B 324 31.81 14.85 -65.91
CA THR B 324 30.70 14.24 -66.62
C THR B 324 31.08 13.90 -68.07
N SER B 325 31.56 14.89 -68.81
CA SER B 325 31.94 14.70 -70.20
C SER B 325 33.27 15.37 -70.44
N GLU B 326 34.04 14.81 -71.37
CA GLU B 326 35.44 15.20 -71.54
C GLU B 326 35.82 15.05 -73.01
N LEU B 327 36.33 16.14 -73.59
CA LEU B 327 36.63 16.13 -75.01
C LEU B 327 37.78 15.20 -75.35
N GLY B 328 38.87 15.29 -74.58
CA GLY B 328 40.05 14.48 -74.85
C GLY B 328 40.98 15.11 -75.87
N THR B 329 40.44 15.42 -77.06
CA THR B 329 41.21 16.04 -78.13
C THR B 329 40.47 17.28 -78.61
N LEU B 330 41.24 18.32 -78.91
CA LEU B 330 40.69 19.59 -79.33
C LEU B 330 41.51 20.14 -80.50
N PRO B 331 40.84 20.64 -81.53
CA PRO B 331 41.58 21.26 -82.64
C PRO B 331 42.11 22.62 -82.23
N GLU B 332 43.34 22.90 -82.65
CA GLU B 332 43.96 24.18 -82.32
C GLU B 332 43.20 25.36 -82.94
N SER B 333 42.33 25.10 -83.91
CA SER B 333 41.50 26.09 -84.56
C SER B 333 40.24 26.44 -83.77
N ALA B 334 39.99 25.77 -82.65
CA ALA B 334 38.73 25.95 -81.93
C ALA B 334 38.57 27.39 -81.46
N GLU B 335 37.34 27.89 -81.56
CA GLU B 335 37.06 29.25 -81.15
C GLU B 335 37.09 29.34 -79.62
N PRO B 336 37.39 30.51 -79.08
CA PRO B 336 37.31 30.68 -77.61
C PRO B 336 35.89 30.45 -77.13
N GLY B 337 35.77 29.86 -75.95
CA GLY B 337 34.48 29.44 -75.43
C GLY B 337 34.14 27.99 -75.67
N THR B 338 35.01 27.24 -76.35
CA THR B 338 34.76 25.84 -76.64
C THR B 338 34.80 25.02 -75.35
N VAL B 339 33.73 24.27 -75.10
CA VAL B 339 33.63 23.50 -73.87
C VAL B 339 34.56 22.30 -73.95
N VAL B 340 35.45 22.17 -72.96
CA VAL B 340 36.39 21.07 -72.89
C VAL B 340 35.90 19.95 -71.98
N ALA B 341 35.27 20.31 -70.87
CA ALA B 341 34.76 19.32 -69.93
C ALA B 341 33.60 19.91 -69.13
N LEU B 342 32.72 19.02 -68.66
CA LEU B 342 31.66 19.36 -67.73
C LEU B 342 32.00 18.77 -66.38
N ILE B 343 31.94 19.58 -65.33
CA ILE B 343 32.40 19.20 -64.01
C ILE B 343 31.31 19.46 -62.98
N SER B 344 31.04 18.46 -62.14
CA SER B 344 30.11 18.59 -61.02
C SER B 344 30.86 18.30 -59.72
N VAL B 345 30.52 19.05 -58.68
CA VAL B 345 31.10 18.84 -57.36
C VAL B 345 29.99 18.62 -56.34
N GLN B 346 30.32 17.83 -55.31
CA GLN B 346 29.41 17.61 -54.20
C GLN B 346 30.24 17.35 -52.94
N ASP B 347 29.75 17.85 -51.81
CA ASP B 347 30.35 17.64 -50.49
C ASP B 347 29.23 17.32 -49.52
N PRO B 348 29.20 16.12 -48.94
CA PRO B 348 28.05 15.70 -48.13
C PRO B 348 27.94 16.41 -46.78
N ASP B 349 28.97 17.11 -46.33
CA ASP B 349 28.91 17.78 -45.04
C ASP B 349 27.93 18.95 -45.10
N SER B 350 27.67 19.54 -43.93
CA SER B 350 26.64 20.56 -43.81
C SER B 350 27.25 21.93 -43.62
N GLY B 351 26.44 22.95 -43.92
CA GLY B 351 26.88 24.32 -43.80
C GLY B 351 28.11 24.60 -44.66
N SER B 352 28.96 25.49 -44.16
CA SER B 352 30.19 25.84 -44.86
C SER B 352 31.10 24.63 -45.08
N ASN B 353 30.97 23.59 -44.25
CA ASN B 353 31.73 22.36 -44.46
C ASN B 353 31.35 21.65 -45.75
N GLY B 354 30.24 22.01 -46.38
CA GLY B 354 29.80 21.38 -47.60
C GLY B 354 29.69 22.31 -48.79
N ASP B 355 30.22 23.52 -48.68
CA ASP B 355 30.18 24.50 -49.76
C ASP B 355 31.48 24.41 -50.55
N VAL B 356 31.36 24.11 -51.84
CA VAL B 356 32.50 23.81 -52.70
C VAL B 356 32.79 24.99 -53.61
N SER B 357 34.08 25.34 -53.74
CA SER B 357 34.57 26.24 -54.77
C SER B 357 35.57 25.49 -55.64
N LEU B 358 35.67 25.89 -56.91
CA LEU B 358 36.50 25.21 -57.89
C LEU B 358 37.45 26.22 -58.53
N ARG B 359 38.67 25.78 -58.87
CA ARG B 359 39.63 26.70 -59.45
C ARG B 359 40.63 25.94 -60.32
N ILE B 360 41.26 26.69 -61.22
CA ILE B 360 42.37 26.21 -62.04
C ILE B 360 43.45 27.29 -62.07
N PRO B 361 44.68 26.94 -62.45
CA PRO B 361 45.75 27.95 -62.51
C PRO B 361 45.45 29.05 -63.52
N ASP B 362 45.93 30.26 -63.20
CA ASP B 362 45.60 31.43 -64.01
C ASP B 362 46.31 31.39 -65.37
N HIS B 363 47.56 30.90 -65.40
CA HIS B 363 48.39 31.02 -66.60
C HIS B 363 47.86 30.20 -67.77
N LEU B 364 46.81 29.40 -67.57
CA LEU B 364 46.32 28.54 -68.64
C LEU B 364 45.38 29.30 -69.56
N PRO B 365 45.31 28.90 -70.84
CA PRO B 365 44.32 29.50 -71.76
C PRO B 365 42.95 28.85 -71.61
N PHE B 366 42.53 28.65 -70.37
CA PHE B 366 41.24 28.05 -70.06
C PHE B 366 40.58 28.84 -68.94
N ALA B 367 39.28 28.65 -68.78
CA ALA B 367 38.53 29.35 -67.75
C ALA B 367 37.38 28.49 -67.28
N LEU B 368 36.93 28.77 -66.05
CA LEU B 368 35.83 28.04 -65.44
C LEU B 368 34.57 28.91 -65.45
N LYS B 369 33.49 28.35 -65.99
CA LYS B 369 32.19 29.00 -66.02
C LYS B 369 31.19 28.17 -65.24
N SER B 370 30.27 28.84 -64.54
CA SER B 370 29.26 28.19 -63.73
C SER B 370 27.92 28.88 -64.00
N ALA B 371 26.93 28.10 -64.43
CA ALA B 371 25.58 28.61 -64.62
C ALA B 371 24.58 28.08 -63.59
N PHE B 372 24.89 26.98 -62.92
CA PHE B 372 24.03 26.43 -61.88
C PHE B 372 24.89 25.99 -60.71
N ARG B 373 24.22 25.84 -59.57
CA ARG B 373 24.87 25.45 -58.33
C ARG B 373 25.66 24.16 -58.49
N ASN B 374 26.93 24.20 -58.10
CA ASN B 374 27.84 23.06 -58.08
C ASN B 374 28.11 22.50 -59.48
N GLN B 375 27.85 23.28 -60.53
CA GLN B 375 28.08 22.86 -61.90
C GLN B 375 29.03 23.82 -62.58
N PHE B 376 30.12 23.28 -63.14
CA PHE B 376 31.15 24.06 -63.81
C PHE B 376 31.46 23.44 -65.17
N SER B 377 31.71 24.29 -66.16
CA SER B 377 32.23 23.87 -67.45
C SER B 377 33.62 24.47 -67.65
N LEU B 378 34.53 23.65 -68.18
CA LEU B 378 35.88 24.08 -68.51
C LEU B 378 35.91 24.47 -69.98
N VAL B 379 36.23 25.75 -70.25
CA VAL B 379 36.17 26.27 -71.61
C VAL B 379 37.51 26.88 -71.99
N THR B 380 37.73 26.99 -73.30
CA THR B 380 38.90 27.69 -73.82
C THR B 380 38.75 29.19 -73.60
N ALA B 381 39.81 29.83 -73.11
CA ALA B 381 39.81 31.25 -72.83
C ALA B 381 40.82 32.02 -73.67
N GLY B 382 41.56 31.35 -74.54
CA GLY B 382 42.49 32.00 -75.43
C GLY B 382 42.79 31.16 -76.66
N PRO B 383 43.58 31.69 -77.58
CA PRO B 383 43.95 30.92 -78.78
C PRO B 383 44.89 29.76 -78.45
N LEU B 384 44.88 28.77 -79.34
CA LEU B 384 45.66 27.55 -79.18
C LEU B 384 46.52 27.32 -80.41
N ASP B 385 47.75 26.87 -80.19
CA ASP B 385 48.69 26.59 -81.28
C ASP B 385 49.43 25.30 -80.96
N ARG B 386 49.24 24.27 -81.80
CA ARG B 386 49.81 22.96 -81.50
C ARG B 386 51.33 23.01 -81.45
N GLU B 387 51.96 23.73 -82.37
CA GLU B 387 53.43 23.81 -82.38
C GLU B 387 53.96 24.35 -81.06
N ALA B 388 53.23 25.26 -80.42
CA ALA B 388 53.64 25.77 -79.11
C ALA B 388 53.50 24.70 -78.04
N ARG B 389 52.28 24.22 -77.81
CA ARG B 389 52.02 23.13 -76.89
C ARG B 389 51.07 22.15 -77.53
N SER B 390 51.43 20.87 -77.52
CA SER B 390 50.61 19.82 -78.11
C SER B 390 49.57 19.26 -77.15
N SER B 391 49.72 19.45 -75.84
CA SER B 391 48.74 18.93 -74.90
C SER B 391 48.81 19.75 -73.61
N TYR B 392 47.69 19.77 -72.89
CA TYR B 392 47.57 20.46 -71.62
C TYR B 392 47.15 19.48 -70.53
N ASP B 393 47.79 19.59 -69.37
CA ASP B 393 47.38 18.87 -68.16
C ASP B 393 46.77 19.92 -67.23
N ILE B 394 45.45 19.97 -67.20
CA ILE B 394 44.72 21.03 -66.53
C ILE B 394 44.39 20.60 -65.11
N MET B 395 45.01 21.25 -64.14
CA MET B 395 44.90 20.87 -62.73
C MET B 395 43.70 21.57 -62.10
N VAL B 396 42.68 20.78 -61.77
CA VAL B 396 41.44 21.28 -61.16
C VAL B 396 41.50 20.98 -59.67
N THR B 397 41.16 21.98 -58.85
CA THR B 397 41.16 21.83 -57.41
C THR B 397 39.80 22.25 -56.85
N ALA B 398 39.12 21.33 -56.18
CA ALA B 398 37.89 21.62 -55.47
C ALA B 398 38.20 21.76 -53.98
N SER B 399 37.56 22.74 -53.34
CA SER B 399 37.79 23.00 -51.93
C SER B 399 36.45 23.32 -51.26
N ASP B 400 36.25 22.77 -50.07
CA ASP B 400 35.11 23.17 -49.26
C ASP B 400 35.52 24.34 -48.36
N ALA B 401 34.52 24.95 -47.73
CA ALA B 401 34.74 26.13 -46.90
C ALA B 401 34.84 25.80 -45.41
N GLY B 402 35.28 24.58 -45.09
CA GLY B 402 35.54 24.24 -43.71
C GLY B 402 36.78 24.96 -43.20
N ASN B 403 36.98 24.90 -41.89
CA ASN B 403 38.18 25.48 -41.27
C ASN B 403 38.93 24.41 -40.49
N PRO B 404 40.06 23.90 -41.02
CA PRO B 404 40.64 24.29 -42.31
C PRO B 404 39.94 23.61 -43.50
N PRO B 405 40.02 24.21 -44.68
CA PRO B 405 39.36 23.61 -45.85
C PRO B 405 40.03 22.32 -46.27
N LEU B 406 39.24 21.44 -46.87
CA LEU B 406 39.72 20.19 -47.45
C LEU B 406 39.66 20.31 -48.97
N SER B 407 40.66 19.75 -49.64
CA SER B 407 40.79 19.91 -51.08
C SER B 407 40.80 18.56 -51.78
N THR B 408 40.33 18.58 -53.04
CA THR B 408 40.36 17.45 -53.94
C THR B 408 41.00 17.89 -55.25
N HIS B 409 41.85 17.03 -55.82
CA HIS B 409 42.64 17.36 -56.99
C HIS B 409 42.29 16.41 -58.13
N ARG B 410 42.05 16.97 -59.31
CA ARG B 410 41.72 16.20 -60.50
C ARG B 410 42.37 16.88 -61.70
N THR B 411 43.03 16.11 -62.54
CA THR B 411 43.69 16.65 -63.73
C THR B 411 42.92 16.22 -64.98
N ILE B 412 42.54 17.19 -65.78
CA ILE B 412 41.94 16.94 -67.09
C ILE B 412 43.06 16.95 -68.12
N PHE B 413 43.20 15.85 -68.84
CA PHE B 413 44.25 15.72 -69.84
C PHE B 413 43.65 15.99 -71.23
N LEU B 414 44.26 16.91 -71.97
CA LEU B 414 43.70 17.40 -73.22
C LEU B 414 44.78 17.38 -74.29
N ASN B 415 44.53 16.63 -75.35
CA ASN B 415 45.40 16.61 -76.52
C ASN B 415 44.93 17.68 -77.52
N ILE B 416 45.88 18.27 -78.23
CA ILE B 416 45.57 19.30 -79.23
C ILE B 416 46.07 18.82 -80.59
N SER B 417 45.21 18.96 -81.59
CA SER B 417 45.48 18.50 -82.95
C SER B 417 45.37 19.64 -83.94
N ASP B 418 45.97 19.43 -85.12
CA ASP B 418 45.88 20.38 -86.22
C ASP B 418 44.85 19.91 -87.24
C1 NAG C . -19.45 -19.70 11.83
C2 NAG C . -20.76 -19.46 12.59
C3 NAG C . -21.49 -20.79 12.84
C4 NAG C . -21.49 -21.74 11.61
C5 NAG C . -20.12 -21.77 10.96
C6 NAG C . -20.16 -22.51 9.64
C7 NAG C . -21.28 -17.83 14.32
C8 NAG C . -20.85 -17.24 15.64
N2 NAG C . -20.48 -18.78 13.83
O3 NAG C . -22.78 -20.52 13.25
O4 NAG C . -21.82 -23.07 11.99
O5 NAG C . -19.69 -20.47 10.66
O6 NAG C . -21.08 -21.89 8.81
O7 NAG C . -22.29 -17.47 13.73
C1 NAG C . -23.06 -23.48 11.39
C2 NAG C . -23.07 -25.01 11.33
C3 NAG C . -24.39 -25.49 10.77
C4 NAG C . -25.60 -24.87 11.48
C5 NAG C . -25.45 -23.35 11.55
C6 NAG C . -26.55 -22.69 12.39
C7 NAG C . -20.92 -26.16 11.09
C8 NAG C . -19.86 -26.61 10.11
N2 NAG C . -21.96 -25.50 10.54
O3 NAG C . -24.41 -26.88 10.85
O4 NAG C . -26.78 -25.11 10.71
O5 NAG C . -24.19 -22.99 12.14
O6 NAG C . -26.26 -21.35 12.63
O7 NAG C . -20.86 -26.38 12.29
C1 BMA C . -27.46 -26.30 11.13
C2 BMA C . -28.95 -25.96 10.99
C3 BMA C . -29.81 -27.21 11.14
C4 BMA C . -29.27 -28.35 10.23
C5 BMA C . -27.81 -28.57 10.56
C6 BMA C . -27.25 -29.66 9.62
O2 BMA C . -29.25 -25.38 9.73
O3 BMA C . -31.12 -26.90 10.68
O4 BMA C . -29.95 -29.59 10.45
O5 BMA C . -27.10 -27.38 10.30
O6 BMA C . -25.88 -29.73 9.80
C1 MAN C . -32.10 -27.49 11.55
C2 MAN C . -33.44 -27.41 10.84
C3 MAN C . -33.89 -25.98 10.71
C4 MAN C . -33.99 -25.33 12.07
C5 MAN C . -32.63 -25.44 12.76
C6 MAN C . -32.64 -24.88 14.18
O2 MAN C . -34.42 -28.13 11.57
O3 MAN C . -35.17 -25.93 10.13
O4 MAN C . -34.36 -23.95 11.95
O5 MAN C . -32.18 -26.81 12.84
O6 MAN C . -31.97 -25.74 15.02
C1 NAG C . -34.50 -29.45 11.01
C2 NAG C . -35.05 -30.34 12.11
C3 NAG C . -35.33 -31.72 11.55
C4 NAG C . -36.14 -31.67 10.21
C5 NAG C . -35.50 -30.66 9.25
C6 NAG C . -36.37 -30.38 8.00
C7 NAG C . -34.33 -29.70 14.37
C8 NAG C . -33.23 -29.83 15.39
N2 NAG C . -34.11 -30.35 13.21
O3 NAG C . -36.04 -32.43 12.50
O4 NAG C . -36.16 -32.96 9.61
O5 NAG C . -35.35 -29.41 9.87
O6 NAG C . -37.43 -29.53 8.31
O7 NAG C . -35.34 -29.04 14.57
C1 GAL C . -37.54 -33.32 9.37
C2 GAL C . -37.55 -34.64 8.58
C3 GAL C . -38.97 -35.18 8.41
C4 GAL C . -39.67 -35.26 9.77
C5 GAL C . -39.61 -33.89 10.43
C6 GAL C . -40.23 -33.81 11.82
O2 GAL C . -37.02 -34.45 7.27
O3 GAL C . -38.95 -36.50 7.86
O4 GAL C . -39.03 -36.21 10.59
O5 GAL C . -38.25 -33.47 10.60
O6 GAL C . -39.99 -32.54 12.40
C1 MAN C . -25.38 -30.98 9.32
C2 MAN C . -24.38 -31.52 10.33
C3 MAN C . -23.17 -30.58 10.40
C4 MAN C . -22.58 -30.34 9.01
C5 MAN C . -23.70 -29.86 8.10
C6 MAN C . -23.24 -29.58 6.66
O2 MAN C . -23.93 -32.82 9.95
O3 MAN C . -22.16 -31.17 11.19
O4 MAN C . -21.55 -29.33 9.07
O5 MAN C . -24.75 -30.82 8.04
O6 MAN C . -23.08 -30.79 5.99
C1 FUC C . -21.50 -22.80 7.79
C2 FUC C . -22.58 -22.09 6.95
C3 FUC C . -21.96 -20.90 6.22
C4 FUC C . -20.79 -21.37 5.36
C5 FUC C . -19.78 -22.12 6.23
C6 FUC C . -18.65 -22.77 5.44
O2 FUC C . -23.69 -21.67 7.75
O3 FUC C . -22.93 -20.32 5.35
O4 FUC C . -21.25 -22.24 4.33
O5 FUC C . -20.41 -23.19 6.98
C1 NAG D . 25.78 12.66 -11.35
C2 NAG D . 26.02 13.93 -12.15
C3 NAG D . 27.52 14.09 -12.40
C4 NAG D . 28.34 13.92 -11.09
C5 NAG D . 27.92 12.66 -10.37
C6 NAG D . 28.56 12.56 -8.98
C7 NAG D . 24.61 14.94 -13.86
C8 NAG D . 23.91 14.71 -15.18
N2 NAG D . 25.29 13.88 -13.39
O3 NAG D . 27.76 15.33 -12.95
O4 NAG D . 29.73 13.81 -11.41
O5 NAG D . 26.53 12.68 -10.14
O6 NAG D . 28.10 13.59 -8.18
O7 NAG D . 24.58 16.01 -13.27
C1 NAG D . 30.43 14.91 -10.81
C2 NAG D . 31.91 14.55 -10.80
C3 NAG D . 32.72 15.74 -10.28
C4 NAG D . 32.27 17.10 -10.88
C5 NAG D . 30.76 17.23 -10.94
C6 NAG D . 30.30 18.45 -11.75
C7 NAG D . 32.24 12.15 -10.56
C8 NAG D . 32.49 11.04 -9.57
N2 NAG D . 32.14 13.37 -10.01
O3 NAG D . 34.06 15.47 -10.57
O4 NAG D . 32.74 18.14 -10.06
O5 NAG D . 30.19 16.10 -11.57
O6 NAG D . 30.14 18.14 -13.09
O7 NAG D . 32.14 11.96 -11.75
C1 BMA D . 34.04 18.57 -10.48
C2 BMA D . 34.04 20.09 -10.38
C3 BMA D . 35.45 20.65 -10.57
C4 BMA D . 36.49 19.87 -9.72
C5 BMA D . 36.31 18.39 -9.98
C6 BMA D . 37.28 17.60 -9.07
O2 BMA D . 33.56 20.55 -9.11
O3 BMA D . 35.50 22.02 -10.15
O4 BMA D . 37.84 20.19 -10.06
O5 BMA D . 35.02 18.03 -9.62
O6 BMA D . 37.03 16.27 -9.25
C1 MAN D . 36.39 22.77 -10.99
C2 MAN D . 36.56 24.13 -10.34
C3 MAN D . 35.21 24.85 -10.39
C4 MAN D . 34.72 25.00 -11.81
C5 MAN D . 34.61 23.58 -12.39
C6 MAN D . 34.13 23.56 -13.85
O2 MAN D . 37.52 24.92 -11.05
O3 MAN D . 35.32 26.13 -9.83
O4 MAN D . 33.45 25.65 -11.87
O5 MAN D . 35.88 22.91 -12.33
O6 MAN D . 34.14 22.24 -14.30
C1 NAG D . 38.83 24.79 -10.46
C2 NAG D . 39.88 25.01 -11.56
C3 NAG D . 41.28 25.05 -10.96
C4 NAG D . 41.36 26.04 -9.78
C5 NAG D . 40.30 25.67 -8.75
C6 NAG D . 40.29 26.62 -7.54
C7 NAG D . 39.01 24.20 -13.72
C8 NAG D . 39.02 23.05 -14.68
N2 NAG D . 39.75 24.03 -12.61
O3 NAG D . 42.20 25.39 -11.93
O4 NAG D . 42.65 26.00 -9.18
O5 NAG D . 38.99 25.70 -9.34
O6 NAG D . 39.54 27.77 -7.79
O7 NAG D . 38.37 25.23 -13.91
C1 MAN D . 38.15 15.49 -8.82
C2 MAN D . 38.24 14.29 -9.74
C3 MAN D . 36.94 13.51 -9.64
C4 MAN D . 36.59 13.15 -8.19
C5 MAN D . 36.70 14.41 -7.32
C6 MAN D . 36.53 14.12 -5.82
O2 MAN D . 39.33 13.45 -9.35
O3 MAN D . 37.04 12.30 -10.36
O4 MAN D . 35.27 12.63 -8.10
O5 MAN D . 37.96 15.04 -7.48
O6 MAN D . 36.44 15.32 -5.13
C1 FUC D . 29.04 13.83 -7.13
C2 FUC D . 28.66 15.17 -6.48
C3 FUC D . 27.30 15.05 -5.78
C4 FUC D . 27.34 13.89 -4.75
C5 FUC D . 27.75 12.60 -5.47
C6 FUC D . 27.95 11.43 -4.52
O2 FUC D . 28.65 16.24 -7.42
O3 FUC D . 27.00 16.24 -5.06
O4 FUC D . 28.27 14.19 -3.73
O5 FUC D . 28.99 12.77 -6.18
C1 MAN E . -8.71 3.34 -36.97
C2 MAN E . -9.47 2.20 -37.61
C3 MAN E . -9.95 2.58 -39.02
C4 MAN E . -10.64 3.95 -39.06
C5 MAN E . -9.71 4.96 -38.40
C6 MAN E . -10.28 6.37 -38.35
O2 MAN E . -10.61 1.85 -36.81
O3 MAN E . -10.89 1.64 -39.48
O4 MAN E . -10.89 4.34 -40.41
O5 MAN E . -9.44 4.58 -37.04
O6 MAN E . -11.07 6.50 -37.22
C1 MAN F . -7.50 -3.52 -32.50
C2 MAN F . -6.63 -4.68 -32.06
C3 MAN F . -6.18 -5.46 -33.29
C4 MAN F . -7.39 -5.96 -34.05
C5 MAN F . -8.23 -4.74 -34.46
C6 MAN F . -9.51 -5.12 -35.19
O2 MAN F . -7.37 -5.56 -31.21
O3 MAN F . -5.44 -6.60 -32.90
O4 MAN F . -7.01 -6.69 -35.23
O5 MAN F . -8.62 -3.98 -33.29
O6 MAN F . -10.11 -3.97 -35.70
C1 NAG G . -4.20 -21.49 4.66
C2 NAG G . -5.37 -21.98 3.76
C3 NAG G . -5.51 -23.48 3.90
C4 NAG G . -4.17 -24.19 3.64
C5 NAG G . -3.13 -23.64 4.60
C6 NAG G . -1.73 -24.25 4.40
C7 NAG G . -7.68 -21.22 3.32
C8 NAG G . -8.80 -20.38 3.87
N2 NAG G . -6.58 -21.24 4.08
O3 NAG G . -6.47 -23.94 2.99
O4 NAG G . -4.31 -25.59 3.85
O5 NAG G . -2.98 -22.23 4.42
O6 NAG G . -1.79 -25.61 4.15
O7 NAG G . -7.77 -21.82 2.27
C1 GOL H . -1.16 12.35 -67.66
O1 GOL H . -2.34 11.60 -67.74
C2 GOL H . -0.37 11.79 -66.45
O2 GOL H . 0.06 10.50 -66.67
C3 GOL H . 0.79 12.78 -66.29
O3 GOL H . 1.41 12.49 -65.09
CA CA I . 6.67 4.54 -50.05
CA CA J . 4.64 7.50 -47.54
CA CA K . 0.48 7.01 -42.55
CA CA L . -7.81 -3.03 -2.01
CA CA M . -5.70 -6.37 -1.38
CA CA N . -5.12 -9.45 4.46
CA CA O . -21.47 -24.72 41.27
CA CA P . -25.12 -23.25 41.29
CA CA Q . -29.80 -25.04 45.84
CL CL R . 16.96 11.19 -70.15
CL CL S . -3.45 12.23 -28.96
CL CL T . 18.48 25.70 -77.61
C1 MAN U . -2.29 11.60 37.05
C2 MAN U . -1.27 12.33 37.91
C3 MAN U . -1.94 12.92 39.16
C4 MAN U . -3.15 13.76 38.82
C5 MAN U . -4.09 12.93 37.95
C6 MAN U . -5.31 13.71 37.48
O2 MAN U . -0.66 13.40 37.17
O3 MAN U . -1.03 13.78 39.82
O4 MAN U . -3.84 14.17 40.02
O5 MAN U . -3.44 12.41 36.77
O6 MAN U . -4.95 14.47 36.37
C1 MAN V . 4.09 8.52 32.85
C2 MAN V . 5.08 7.69 32.08
C3 MAN V . 5.75 6.74 33.05
C4 MAN V . 6.40 7.49 34.21
C5 MAN V . 5.35 8.45 34.82
C6 MAN V . 5.93 9.39 35.89
O2 MAN V . 6.09 8.53 31.51
O3 MAN V . 6.77 6.01 32.40
O4 MAN V . 6.85 6.59 35.22
O5 MAN V . 4.76 9.30 33.83
O6 MAN V . 4.88 10.07 36.50
C1 NAG W . 22.16 -2.14 -3.69
C2 NAG W . 22.78 -1.81 -2.33
C3 NAG W . 24.26 -2.14 -2.36
C4 NAG W . 24.50 -3.58 -2.86
C5 NAG W . 23.82 -3.76 -4.21
C6 NAG W . 23.98 -5.19 -4.78
C7 NAG W . 22.85 0.69 -2.57
C8 NAG W . 22.37 1.96 -1.93
N2 NAG W . 22.47 -0.44 -1.93
O3 NAG W . 24.79 -1.99 -1.08
O4 NAG W . 25.90 -3.84 -2.99
O5 NAG W . 22.43 -3.50 -4.10
O6 NAG W . 23.38 -5.29 -6.04
O7 NAG W . 23.54 0.69 -3.58
CA CA X . -7.82 -2.72 50.08
CA CA Y . -10.29 0.03 47.56
CA CA Z . -8.64 3.83 42.34
CA CA AA . 6.14 7.63 2.40
CA CA BA . 8.53 4.55 2.15
CA CA CA . 11.29 2.92 -3.65
CA CA DA . 30.42 11.68 -41.15
CA CA EA . 30.29 15.43 -41.55
CA CA FA . 33.39 18.84 -46.45
CL CL GA . 43.63 12.82 -62.08
CL CL HA . 18.33 -3.28 -20.80
CL CL IA . -11.90 8.72 28.49
CL CL JA . 34.36 11.28 -62.48
#